data_6W47
# 
_entry.id   6W47 
# 
_audit_conform.dict_name       mmcif_pdbx.dic 
_audit_conform.dict_version    5.381 
_audit_conform.dict_location   http://mmcif.pdb.org/dictionaries/ascii/mmcif_pdbx.dic 
# 
loop_
_database_2.database_id 
_database_2.database_code 
_database_2.pdbx_database_accession 
_database_2.pdbx_DOI 
PDB   6W47         pdb_00006w47 10.2210/pdb6w47/pdb 
WWPDB D_1000247372 ?            ?                   
# 
_pdbx_database_status.status_code                     REL 
_pdbx_database_status.status_code_sf                  REL 
_pdbx_database_status.status_code_mr                  ? 
_pdbx_database_status.entry_id                        6W47 
_pdbx_database_status.recvd_initial_deposition_date   2020-03-10 
_pdbx_database_status.SG_entry                        N 
_pdbx_database_status.deposit_site                    RCSB 
_pdbx_database_status.process_site                    RCSB 
_pdbx_database_status.status_code_cs                  ? 
_pdbx_database_status.status_code_nmr_data            ? 
_pdbx_database_status.methods_development_category    ? 
_pdbx_database_status.pdb_format_compatible           Y 
# 
loop_
_audit_author.name 
_audit_author.pdbx_ordinal 
_audit_author.identifier_ORCID 
'Chenoweth, D.M.' 1 0000-0002-0819-4669 
'Melton, S.D.'    2 0000-0003-0756-9470 
# 
_citation.abstract                  ? 
_citation.abstract_id_CAS           ? 
_citation.book_id_ISBN              ? 
_citation.book_publisher            ? 
_citation.book_publisher_city       ? 
_citation.book_title                ? 
_citation.coordinate_linkage        ? 
_citation.country                   UK 
_citation.database_id_Medline       ? 
_citation.details                   ? 
_citation.id                        primary 
_citation.journal_abbrev            'Chem Sci' 
_citation.journal_id_ASTM           ? 
_citation.journal_id_CSD            ? 
_citation.journal_id_ISSN           2041-6520 
_citation.journal_full              ? 
_citation.journal_issue             ? 
_citation.journal_volume            11 
_citation.language                  ? 
_citation.page_first                10638 
_citation.page_last                 10646 
_citation.title                     'Rules for the design of aza-glycine stabilized triple-helical collagen peptides.' 
_citation.year                      2020 
_citation.database_id_CSD           ? 
_citation.pdbx_database_id_DOI      10.1039/d0sc03003a 
_citation.pdbx_database_id_PubMed   34094319 
_citation.unpublished_flag          ? 
# 
loop_
_citation_author.citation_id 
_citation_author.name 
_citation_author.ordinal 
_citation_author.identifier_ORCID 
primary 'Melton, S.D.'      1 0000-0003-0756-9470 
primary 'Brackhahn, E.A.E.' 2 0000-0002-3775-1989 
primary 'Orlin, S.J.'       3 0000-0001-8543-5027 
primary 'Jin, P.'           4 0000-0002-7723-3051 
primary 'Chenoweth, D.M.'   5 0000-0002-0819-4669 
# 
_cell.entry_id           6W47 
_cell.length_a           31.679 
_cell.length_b           19.556 
_cell.length_c           37.528 
_cell.angle_alpha        90.00 
_cell.angle_beta         98.92 
_cell.angle_gamma        90.00 
_cell.Z_PDB              6 
_cell.pdbx_unique_axis   ? 
# 
_symmetry.entry_id                         6W47 
_symmetry.space_group_name_H-M             'P 1 21 1' 
_symmetry.pdbx_full_space_group_name_H-M   ? 
_symmetry.cell_setting                     ? 
_symmetry.Int_Tables_number                4 
# 
loop_
_entity.id 
_entity.type 
_entity.src_method 
_entity.pdbx_description 
_entity.formula_weight 
_entity.pdbx_number_of_molecules 
_entity.pdbx_ec 
_entity.pdbx_mutation 
_entity.pdbx_fragment 
_entity.details 
1 polymer     syn 'Collagen-like peptide' 2423.597 3  ? ? ? ? 
2 non-polymer syn 1,2-ETHANEDIOL          62.068   1  ? ? ? ? 
3 water       nat water                   18.015   82 ? ? ? ? 
# 
_entity_poly.entity_id                      1 
_entity_poly.type                           'polypeptide(L)' 
_entity_poly.nstd_linkage                   no 
_entity_poly.nstd_monomer                   yes 
_entity_poly.pdbx_seq_one_letter_code       'P(HYP)GP(HYP)GPRGP(HYP)GP(HYP)GP(HYP)G(SAR)(HYP)GP(HYP)GP(HYP)(GLZ)(NH2)' 
_entity_poly.pdbx_seq_one_letter_code_can   PPGPPGPRGPPGPPGPPGGPGPPGPPGX 
_entity_poly.pdbx_strand_id                 A,B,C 
_entity_poly.pdbx_target_identifier         ? 
# 
loop_
_entity_poly_seq.entity_id 
_entity_poly_seq.num 
_entity_poly_seq.mon_id 
_entity_poly_seq.hetero 
1 1  PRO n 
1 2  HYP n 
1 3  GLY n 
1 4  PRO n 
1 5  HYP n 
1 6  GLY n 
1 7  PRO n 
1 8  ARG n 
1 9  GLY n 
1 10 PRO n 
1 11 HYP n 
1 12 GLY n 
1 13 PRO n 
1 14 HYP n 
1 15 GLY n 
1 16 PRO n 
1 17 HYP n 
1 18 GLY n 
1 19 SAR n 
1 20 HYP n 
1 21 GLY n 
1 22 PRO n 
1 23 HYP n 
1 24 GLY n 
1 25 PRO n 
1 26 HYP n 
1 27 GLZ n 
1 28 NH2 n 
# 
_pdbx_entity_src_syn.entity_id              1 
_pdbx_entity_src_syn.pdbx_src_id            1 
_pdbx_entity_src_syn.pdbx_alt_source_flag   sample 
_pdbx_entity_src_syn.pdbx_beg_seq_num       1 
_pdbx_entity_src_syn.pdbx_end_seq_num       28 
_pdbx_entity_src_syn.organism_scientific    'synthetic construct' 
_pdbx_entity_src_syn.organism_common_name   ? 
_pdbx_entity_src_syn.ncbi_taxonomy_id       32630 
_pdbx_entity_src_syn.details                ? 
# 
_struct_ref.id                         1 
_struct_ref.db_name                    PDB 
_struct_ref.db_code                    6W47 
_struct_ref.pdbx_db_accession          6W47 
_struct_ref.pdbx_db_isoform            ? 
_struct_ref.entity_id                  1 
_struct_ref.pdbx_seq_one_letter_code   ? 
_struct_ref.pdbx_align_begin           1 
# 
loop_
_struct_ref_seq.align_id 
_struct_ref_seq.ref_id 
_struct_ref_seq.pdbx_PDB_id_code 
_struct_ref_seq.pdbx_strand_id 
_struct_ref_seq.seq_align_beg 
_struct_ref_seq.pdbx_seq_align_beg_ins_code 
_struct_ref_seq.seq_align_end 
_struct_ref_seq.pdbx_seq_align_end_ins_code 
_struct_ref_seq.pdbx_db_accession 
_struct_ref_seq.db_align_beg 
_struct_ref_seq.pdbx_db_align_beg_ins_code 
_struct_ref_seq.db_align_end 
_struct_ref_seq.pdbx_db_align_end_ins_code 
_struct_ref_seq.pdbx_auth_seq_align_beg 
_struct_ref_seq.pdbx_auth_seq_align_end 
1 1 6W47 A 1 ? 28 ? 6W47 1 ? 28 ? 1 28 
2 1 6W47 B 1 ? 28 ? 6W47 1 ? 28 ? 1 28 
3 1 6W47 C 1 ? 28 ? 6W47 1 ? 28 ? 1 28 
# 
loop_
_chem_comp.id 
_chem_comp.type 
_chem_comp.mon_nstd_flag 
_chem_comp.name 
_chem_comp.pdbx_synonyms 
_chem_comp.formula 
_chem_comp.formula_weight 
ARG 'L-peptide linking' y ARGININE           ?                 'C6 H15 N4 O2 1' 175.209 
EDO non-polymer         . 1,2-ETHANEDIOL     'ETHYLENE GLYCOL' 'C2 H6 O2'       62.068  
GLY 'peptide linking'   y GLYCINE            ?                 'C2 H5 N O2'     75.067  
GLZ 'L-peptide linking' n AMINO-ACETALDEHYDE ?                 'C2 H5 N O'      59.067  
HOH non-polymer         . WATER              ?                 'H2 O'           18.015  
HYP 'L-peptide linking' n 4-HYDROXYPROLINE   HYDROXYPROLINE    'C5 H9 N O3'     131.130 
NH2 non-polymer         . 'AMINO GROUP'      ?                 'H2 N'           16.023  
PRO 'L-peptide linking' y PROLINE            ?                 'C5 H9 N O2'     115.130 
SAR 'peptide linking'   n SARCOSINE          ?                 'C3 H7 N O2'     89.093  
# 
_exptl.absorpt_coefficient_mu     ? 
_exptl.absorpt_correction_T_max   ? 
_exptl.absorpt_correction_T_min   ? 
_exptl.absorpt_correction_type    ? 
_exptl.absorpt_process_details    ? 
_exptl.entry_id                   6W47 
_exptl.crystals_number            1 
_exptl.details                    ? 
_exptl.method                     'X-RAY DIFFRACTION' 
_exptl.method_details             ? 
# 
_exptl_crystal.colour                      ? 
_exptl_crystal.density_diffrn              ? 
_exptl_crystal.density_Matthews            1.57 
_exptl_crystal.density_method              ? 
_exptl_crystal.density_percent_sol         21.55 
_exptl_crystal.description                 ? 
_exptl_crystal.F_000                       ? 
_exptl_crystal.id                          1 
_exptl_crystal.preparation                 ? 
_exptl_crystal.size_max                    ? 
_exptl_crystal.size_mid                    ? 
_exptl_crystal.size_min                    ? 
_exptl_crystal.size_rad                    ? 
_exptl_crystal.colour_lustre               ? 
_exptl_crystal.colour_modifier             ? 
_exptl_crystal.colour_primary              ? 
_exptl_crystal.density_meas                ? 
_exptl_crystal.density_meas_esd            ? 
_exptl_crystal.density_meas_gt             ? 
_exptl_crystal.density_meas_lt             ? 
_exptl_crystal.density_meas_temp           ? 
_exptl_crystal.density_meas_temp_esd       ? 
_exptl_crystal.density_meas_temp_gt        ? 
_exptl_crystal.density_meas_temp_lt        ? 
_exptl_crystal.pdbx_crystal_image_url      ? 
_exptl_crystal.pdbx_crystal_image_format   ? 
_exptl_crystal.pdbx_mosaicity              ? 
_exptl_crystal.pdbx_mosaicity_esd          ? 
# 
_exptl_crystal_grow.apparatus       ? 
_exptl_crystal_grow.atmosphere      ? 
_exptl_crystal_grow.crystal_id      1 
_exptl_crystal_grow.details         ? 
_exptl_crystal_grow.method          'VAPOR DIFFUSION, SITTING DROP' 
_exptl_crystal_grow.method_ref      ? 
_exptl_crystal_grow.pH              7.3 
_exptl_crystal_grow.pressure        ? 
_exptl_crystal_grow.pressure_esd    ? 
_exptl_crystal_grow.seeding         ? 
_exptl_crystal_grow.seeding_ref     ? 
_exptl_crystal_grow.temp            277 
_exptl_crystal_grow.temp_details    After 
_exptl_crystal_grow.temp_esd        ? 
_exptl_crystal_grow.time            ? 
_exptl_crystal_grow.pdbx_details    
;Crystallization: 0.2 M Potassium formate, 20% PEG 3350

Cryoprotectant: 20% Glycercol
;
_exptl_crystal_grow.pdbx_pH_range   ? 
# 
_diffrn.ambient_environment              ? 
_diffrn.ambient_temp                     100 
_diffrn.ambient_temp_details             ? 
_diffrn.ambient_temp_esd                 ? 
_diffrn.crystal_id                       1 
_diffrn.crystal_support                  ? 
_diffrn.crystal_treatment                ? 
_diffrn.details                          ? 
_diffrn.id                               1 
_diffrn.ambient_pressure                 ? 
_diffrn.ambient_pressure_esd             ? 
_diffrn.ambient_pressure_gt              ? 
_diffrn.ambient_pressure_lt              ? 
_diffrn.ambient_temp_gt                  ? 
_diffrn.ambient_temp_lt                  ? 
_diffrn.pdbx_serial_crystal_experiment   N 
# 
_diffrn_detector.details                      ? 
_diffrn_detector.detector                     PIXEL 
_diffrn_detector.diffrn_id                    1 
_diffrn_detector.type                         'DECTRIS PILATUS 6M-F' 
_diffrn_detector.area_resol_mean              ? 
_diffrn_detector.dtime                        ? 
_diffrn_detector.pdbx_frames_total            ? 
_diffrn_detector.pdbx_collection_time_total   ? 
_diffrn_detector.pdbx_collection_date         2020-02-16 
_diffrn_detector.pdbx_frequency               ? 
# 
_diffrn_radiation.collimation                      ? 
_diffrn_radiation.diffrn_id                        1 
_diffrn_radiation.filter_edge                      ? 
_diffrn_radiation.inhomogeneity                    ? 
_diffrn_radiation.monochromator                    ? 
_diffrn_radiation.polarisn_norm                    ? 
_diffrn_radiation.polarisn_ratio                   ? 
_diffrn_radiation.probe                            ? 
_diffrn_radiation.type                             ? 
_diffrn_radiation.xray_symbol                      ? 
_diffrn_radiation.wavelength_id                    1 
_diffrn_radiation.pdbx_monochromatic_or_laue_m_l   M 
_diffrn_radiation.pdbx_wavelength_list             ? 
_diffrn_radiation.pdbx_wavelength                  ? 
_diffrn_radiation.pdbx_diffrn_protocol             'SINGLE WAVELENGTH' 
_diffrn_radiation.pdbx_analyzer                    ? 
_diffrn_radiation.pdbx_scattering_type             x-ray 
# 
_diffrn_radiation_wavelength.id           1 
_diffrn_radiation_wavelength.wavelength   0.9792 
_diffrn_radiation_wavelength.wt           1.0 
# 
_diffrn_source.current                     ? 
_diffrn_source.details                     ? 
_diffrn_source.diffrn_id                   1 
_diffrn_source.power                       ? 
_diffrn_source.size                        ? 
_diffrn_source.source                      SYNCHROTRON 
_diffrn_source.target                      ? 
_diffrn_source.type                        'APS BEAMLINE 24-ID-C' 
_diffrn_source.voltage                     ? 
_diffrn_source.take-off_angle              ? 
_diffrn_source.pdbx_wavelength_list        0.9792 
_diffrn_source.pdbx_wavelength             ? 
_diffrn_source.pdbx_synchrotron_beamline   24-ID-C 
_diffrn_source.pdbx_synchrotron_site       APS 
# 
_reflns.B_iso_Wilson_estimate            8.06 
_reflns.entry_id                         6W47 
_reflns.data_reduction_details           ? 
_reflns.data_reduction_method            ? 
_reflns.d_resolution_high                1.15 
_reflns.d_resolution_low                 37.07 
_reflns.details                          ? 
_reflns.limit_h_max                      ? 
_reflns.limit_h_min                      ? 
_reflns.limit_k_max                      ? 
_reflns.limit_k_min                      ? 
_reflns.limit_l_max                      ? 
_reflns.limit_l_min                      ? 
_reflns.number_all                       ? 
_reflns.number_obs                       15857 
_reflns.observed_criterion               ? 
_reflns.observed_criterion_F_max         ? 
_reflns.observed_criterion_F_min         ? 
_reflns.observed_criterion_I_max         ? 
_reflns.observed_criterion_I_min         ? 
_reflns.observed_criterion_sigma_F       ? 
_reflns.observed_criterion_sigma_I       ? 
_reflns.percent_possible_obs             95.75 
_reflns.R_free_details                   ? 
_reflns.Rmerge_F_all                     ? 
_reflns.Rmerge_F_obs                     ? 
_reflns.Friedel_coverage                 ? 
_reflns.number_gt                        ? 
_reflns.threshold_expression             ? 
_reflns.pdbx_redundancy                  4.6 
_reflns.pdbx_Rmerge_I_obs                0.107 
_reflns.pdbx_Rmerge_I_all                ? 
_reflns.pdbx_Rsym_value                  ? 
_reflns.pdbx_netI_over_av_sigmaI         ? 
_reflns.pdbx_netI_over_sigmaI            9.4 
_reflns.pdbx_res_netI_over_av_sigmaI_2   ? 
_reflns.pdbx_res_netI_over_sigmaI_2      ? 
_reflns.pdbx_chi_squared                 ? 
_reflns.pdbx_scaling_rejects             ? 
_reflns.pdbx_d_res_high_opt              ? 
_reflns.pdbx_d_res_low_opt               ? 
_reflns.pdbx_d_res_opt_method            ? 
_reflns.phase_calculation_details        ? 
_reflns.pdbx_Rrim_I_all                  0.122 
_reflns.pdbx_Rpim_I_all                  0.072 
_reflns.pdbx_d_opt                       ? 
_reflns.pdbx_number_measured_all         ? 
_reflns.pdbx_diffrn_id                   1 
_reflns.pdbx_ordinal                     1 
_reflns.pdbx_CC_half                     0.995 
_reflns.pdbx_CC_star                     ? 
_reflns.pdbx_R_split                     ? 
# 
_reflns_shell.d_res_high                  1.15 
_reflns_shell.d_res_low                   1.191 
_reflns_shell.meanI_over_sigI_all         ? 
_reflns_shell.meanI_over_sigI_obs         2.8 
_reflns_shell.number_measured_all         ? 
_reflns_shell.number_measured_obs         ? 
_reflns_shell.number_possible             ? 
_reflns_shell.number_unique_all           ? 
_reflns_shell.number_unique_obs           1215 
_reflns_shell.percent_possible_all        75.50 
_reflns_shell.percent_possible_obs        ? 
_reflns_shell.Rmerge_F_all                ? 
_reflns_shell.Rmerge_F_obs                ? 
_reflns_shell.Rmerge_I_all                ? 
_reflns_shell.Rmerge_I_obs                0.646 
_reflns_shell.meanI_over_sigI_gt          ? 
_reflns_shell.meanI_over_uI_all           ? 
_reflns_shell.meanI_over_uI_gt            ? 
_reflns_shell.number_measured_gt          ? 
_reflns_shell.number_unique_gt            ? 
_reflns_shell.percent_possible_gt         ? 
_reflns_shell.Rmerge_F_gt                 ? 
_reflns_shell.Rmerge_I_gt                 ? 
_reflns_shell.pdbx_redundancy             3.1 
_reflns_shell.pdbx_Rsym_value             ? 
_reflns_shell.pdbx_chi_squared            ? 
_reflns_shell.pdbx_netI_over_sigmaI_all   ? 
_reflns_shell.pdbx_netI_over_sigmaI_obs   ? 
_reflns_shell.pdbx_Rrim_I_all             0.796 
_reflns_shell.pdbx_Rpim_I_all             0.530 
_reflns_shell.pdbx_rejects                ? 
_reflns_shell.pdbx_ordinal                1 
_reflns_shell.pdbx_diffrn_id              1 
_reflns_shell.pdbx_CC_half                0.823 
_reflns_shell.pdbx_CC_star                ? 
_reflns_shell.pdbx_R_split                ? 
# 
_refine.pdbx_refine_id                           'X-RAY DIFFRACTION' 
_refine.entry_id                                 6W47 
_refine.pdbx_diffrn_id                           1 
_refine.pdbx_TLS_residual_ADP_flag               ? 
_refine.ls_number_reflns_obs                     15798 
_refine.ls_number_reflns_all                     ? 
_refine.pdbx_ls_sigma_I                          ? 
_refine.pdbx_ls_sigma_F                          1.340 
_refine.pdbx_data_cutoff_high_absF               ? 
_refine.pdbx_data_cutoff_low_absF                ? 
_refine.pdbx_data_cutoff_high_rms_absF           ? 
_refine.ls_d_res_low                             37.07 
_refine.ls_d_res_high                            1.15 
_refine.ls_percent_reflns_obs                    95.8 
_refine.ls_R_factor_obs                          0.187 
_refine.ls_R_factor_all                          ? 
_refine.ls_R_factor_R_work                       0.183 
_refine.ls_R_factor_R_free                       0.217 
_refine.ls_R_factor_R_free_error                 ? 
_refine.ls_R_factor_R_free_error_details         ? 
_refine.ls_percent_reflns_R_free                 10.000 
_refine.ls_number_reflns_R_free                  1580 
_refine.ls_number_parameters                     ? 
_refine.ls_number_restraints                     ? 
_refine.occupancy_min                            ? 
_refine.occupancy_max                            ? 
_refine.correlation_coeff_Fo_to_Fc               ? 
_refine.correlation_coeff_Fo_to_Fc_free          ? 
_refine.B_iso_mean                               13.10 
_refine.aniso_B[1][1]                            ? 
_refine.aniso_B[2][2]                            ? 
_refine.aniso_B[3][3]                            ? 
_refine.aniso_B[1][2]                            ? 
_refine.aniso_B[1][3]                            ? 
_refine.aniso_B[2][3]                            ? 
_refine.solvent_model_details                    'FLAT BULK SOLVENT MODEL' 
_refine.solvent_model_param_ksol                 ? 
_refine.solvent_model_param_bsol                 ? 
_refine.pdbx_solvent_vdw_probe_radii             1.11 
_refine.pdbx_solvent_ion_probe_radii             ? 
_refine.pdbx_solvent_shrinkage_radii             0.90 
_refine.pdbx_ls_cross_valid_method               'FREE R-VALUE' 
_refine.details                                  ? 
_refine.pdbx_starting_model                      3ABN 
_refine.pdbx_method_to_determine_struct          'MOLECULAR REPLACEMENT' 
_refine.pdbx_isotropic_thermal_model             ? 
_refine.pdbx_stereochemistry_target_values       'GEOSTD + MONOMER LIBRARY + CDL V1.2' 
_refine.pdbx_stereochem_target_val_spec_case     ? 
_refine.pdbx_R_Free_selection_details            ? 
_refine.pdbx_overall_ESU_R                       ? 
_refine.pdbx_overall_ESU_R_Free                  ? 
_refine.overall_SU_ML                            0.090 
_refine.pdbx_overall_phase_error                 25.362 
_refine.overall_SU_B                             ? 
_refine.overall_SU_R_Cruickshank_DPI             ? 
_refine.pdbx_overall_SU_R_free_Cruickshank_DPI   ? 
_refine.pdbx_overall_SU_R_Blow_DPI               ? 
_refine.pdbx_overall_SU_R_free_Blow_DPI          ? 
# 
_refine_hist.pdbx_refine_id                   'X-RAY DIFFRACTION' 
_refine_hist.cycle_id                         LAST 
_refine_hist.pdbx_number_atoms_protein        500 
_refine_hist.pdbx_number_atoms_nucleic_acid   0 
_refine_hist.pdbx_number_atoms_ligand         4 
_refine_hist.number_atoms_solvent             82 
_refine_hist.number_atoms_total               586 
_refine_hist.d_res_high                       1.15 
_refine_hist.d_res_low                        37.07 
# 
loop_
_refine_ls_restr.type 
_refine_ls_restr.dev_ideal 
_refine_ls_restr.dev_ideal_target 
_refine_ls_restr.weight 
_refine_ls_restr.number 
_refine_ls_restr.pdbx_refine_id 
_refine_ls_restr.pdbx_restraint_function 
f_bond_d           0.011  ? ? 547 'X-RAY DIFFRACTION' ? 
f_angle_d          1.361  ? ? 751 'X-RAY DIFFRACTION' ? 
f_dihedral_angle_d 14.043 ? ? 106 'X-RAY DIFFRACTION' ? 
f_chiral_restr     0.060  ? ? 74  'X-RAY DIFFRACTION' ? 
f_plane_restr      0.005  ? ? 95  'X-RAY DIFFRACTION' ? 
# 
loop_
_refine_ls_restr_ncs.pdbx_refine_id 
_refine_ls_restr_ncs.dom_id 
_refine_ls_restr_ncs.pdbx_ens_id 
_refine_ls_restr_ncs.pdbx_ordinal 
_refine_ls_restr_ncs.ncs_model_details 
_refine_ls_restr_ncs.rms_dev_position 
_refine_ls_restr_ncs.weight_position 
_refine_ls_restr_ncs.rms_dev_B_iso 
_refine_ls_restr_ncs.weight_B_iso 
_refine_ls_restr_ncs.pdbx_auth_asym_id 
_refine_ls_restr_ncs.pdbx_number 
_refine_ls_restr_ncs.pdbx_type 
_refine_ls_restr_ncs.pdbx_asym_id 
_refine_ls_restr_ncs.pdbx_rms 
_refine_ls_restr_ncs.pdbx_weight 
'X-RAY DIFFRACTION' 1 1 1 ? ? ? ? ? A ? POSITIONAL ? ? ? 
'X-RAY DIFFRACTION' 2 1 2 ? ? ? ? ? B ? POSITIONAL ? ? ? 
'X-RAY DIFFRACTION' 3 1 3 ? ? ? ? ? C ? POSITIONAL ? ? ? 
# 
loop_
_refine_ls_shell.pdbx_refine_id 
_refine_ls_shell.pdbx_total_number_of_bins_used 
_refine_ls_shell.d_res_high 
_refine_ls_shell.d_res_low 
_refine_ls_shell.number_reflns_R_work 
_refine_ls_shell.R_factor_R_work 
_refine_ls_shell.percent_reflns_obs 
_refine_ls_shell.R_factor_R_free 
_refine_ls_shell.R_factor_R_free_error 
_refine_ls_shell.percent_reflns_R_free 
_refine_ls_shell.number_reflns_R_free 
_refine_ls_shell.number_reflns_all 
_refine_ls_shell.R_factor_all 
_refine_ls_shell.R_factor_obs 
_refine_ls_shell.number_reflns_obs 
'X-RAY DIFFRACTION' . 1.1500 1.1900  975  0.2703 75.00 0.2741 . . 109 . . . . 
'X-RAY DIFFRACTION' . 1.1900 1.2300  1277 0.2211 94.00 0.2685 . . 141 . . . . 
'X-RAY DIFFRACTION' . 1.2300 1.2800  1315 0.2147 99.00 0.2355 . . 147 . . . . 
'X-RAY DIFFRACTION' . 1.2800 1.3400  1310 0.1964 98.00 0.2342 . . 146 . . . . 
'X-RAY DIFFRACTION' . 1.3400 1.4100  1330 0.1807 99.00 0.2152 . . 149 . . . . 
'X-RAY DIFFRACTION' . 1.4100 1.5000  1324 0.1885 98.00 0.2047 . . 147 . . . . 
'X-RAY DIFFRACTION' . 1.5000 1.6100  1322 0.1816 99.00 0.2521 . . 146 . . . . 
'X-RAY DIFFRACTION' . 1.6100 1.7700  1328 0.1776 98.00 0.2084 . . 148 . . . . 
'X-RAY DIFFRACTION' . 1.7700 2.0300  1314 0.1791 98.00 0.2375 . . 147 . . . . 
'X-RAY DIFFRACTION' . 2.0300 2.5600  1351 0.1661 98.00 0.1921 . . 148 . . . . 
'X-RAY DIFFRACTION' . 2.5600 37.0700 1372 0.1756 96.00 0.2028 . . 152 . . . . 
# 
loop_
_struct_ncs_dom.id 
_struct_ncs_dom.details 
_struct_ncs_dom.pdbx_ens_id 
1 ? 1 
2 ? 1 
3 ? 1 
# 
loop_
_struct_ncs_dom_lim.dom_id 
_struct_ncs_dom_lim.beg_auth_asym_id 
_struct_ncs_dom_lim.beg_auth_seq_id 
_struct_ncs_dom_lim.end_auth_asym_id 
_struct_ncs_dom_lim.end_auth_seq_id 
_struct_ncs_dom_lim.pdbx_component_id 
_struct_ncs_dom_lim.pdbx_refine_code 
_struct_ncs_dom_lim.beg_label_asym_id 
_struct_ncs_dom_lim.beg_label_comp_id 
_struct_ncs_dom_lim.beg_label_seq_id 
_struct_ncs_dom_lim.beg_label_alt_id 
_struct_ncs_dom_lim.end_label_asym_id 
_struct_ncs_dom_lim.end_label_comp_id 
_struct_ncs_dom_lim.end_label_seq_id 
_struct_ncs_dom_lim.end_label_alt_id 
_struct_ncs_dom_lim.pdbx_ens_id 
_struct_ncs_dom_lim.selection_details 
_struct_ncs_dom_lim.beg_auth_comp_id 
_struct_ncs_dom_lim.end_auth_comp_id 
1 ? ? ? ? 1 ? ? ? ? ? ? ? ? ? 1 
;(chain  A  and (resid 2 through 7 or
 resid 9 through 26))
;
? ? 
2 ? ? ? ? 1 ? ? ? ? ? ? ? ? ? 1 
;(chain  B  and (resid 2 through 7 or
 resid 9 through 26))
;
? ? 
3 ? ? ? ? 1 ? ? ? ? ? ? ? ? ? 1 
;(chain  C  and (resid 2 through 7 or
 resid 9 through 26))
;
? ? 
# 
_struct_ncs_ens.id        1 
_struct_ncs_ens.details   ? 
# 
_struct.entry_id                     6W47 
_struct.title                        'Peptoid-Containing Collagen Peptide' 
_struct.pdbx_model_details           ? 
_struct.pdbx_formula_weight          ? 
_struct.pdbx_formula_weight_method   ? 
_struct.pdbx_model_type_details      ? 
_struct.pdbx_CASP_flag               N 
# 
_struct_keywords.entry_id        6W47 
_struct_keywords.text            'Collagen, Triple Helix, CMP, Peptoid, STRUCTURAL PROTEIN, BIOSYNTHETIC PROTEIN' 
_struct_keywords.pdbx_keywords   'BIOSYNTHETIC PROTEIN' 
# 
loop_
_struct_asym.id 
_struct_asym.pdbx_blank_PDB_chainid_flag 
_struct_asym.pdbx_modified 
_struct_asym.entity_id 
_struct_asym.details 
A N N 1 ? 
B N N 1 ? 
C N N 1 ? 
D N N 2 ? 
E N N 3 ? 
F N N 3 ? 
G N N 3 ? 
# 
loop_
_struct_conn.id 
_struct_conn.conn_type_id 
_struct_conn.pdbx_leaving_atom_flag 
_struct_conn.pdbx_PDB_id 
_struct_conn.ptnr1_label_asym_id 
_struct_conn.ptnr1_label_comp_id 
_struct_conn.ptnr1_label_seq_id 
_struct_conn.ptnr1_label_atom_id 
_struct_conn.pdbx_ptnr1_label_alt_id 
_struct_conn.pdbx_ptnr1_PDB_ins_code 
_struct_conn.pdbx_ptnr1_standard_comp_id 
_struct_conn.ptnr1_symmetry 
_struct_conn.ptnr2_label_asym_id 
_struct_conn.ptnr2_label_comp_id 
_struct_conn.ptnr2_label_seq_id 
_struct_conn.ptnr2_label_atom_id 
_struct_conn.pdbx_ptnr2_label_alt_id 
_struct_conn.pdbx_ptnr2_PDB_ins_code 
_struct_conn.ptnr1_auth_asym_id 
_struct_conn.ptnr1_auth_comp_id 
_struct_conn.ptnr1_auth_seq_id 
_struct_conn.ptnr2_auth_asym_id 
_struct_conn.ptnr2_auth_comp_id 
_struct_conn.ptnr2_auth_seq_id 
_struct_conn.ptnr2_symmetry 
_struct_conn.pdbx_ptnr3_label_atom_id 
_struct_conn.pdbx_ptnr3_label_seq_id 
_struct_conn.pdbx_ptnr3_label_comp_id 
_struct_conn.pdbx_ptnr3_label_asym_id 
_struct_conn.pdbx_ptnr3_label_alt_id 
_struct_conn.pdbx_ptnr3_PDB_ins_code 
_struct_conn.details 
_struct_conn.pdbx_dist_value 
_struct_conn.pdbx_value_order 
_struct_conn.pdbx_role 
covale1  covale both ? A PRO 1  C ? ? ? 1_555 A HYP 2  N ? ? A PRO 1  A HYP 2  1_555 ? ? ? ? ? ? ? 1.326 ? ? 
covale2  covale both ? A HYP 2  C ? ? ? 1_555 A GLY 3  N ? ? A HYP 2  A GLY 3  1_555 ? ? ? ? ? ? ? 1.326 ? ? 
covale3  covale both ? A PRO 4  C ? ? ? 1_555 A HYP 5  N ? ? A PRO 4  A HYP 5  1_555 ? ? ? ? ? ? ? 1.325 ? ? 
covale4  covale both ? A HYP 5  C ? ? ? 1_555 A GLY 6  N ? ? A HYP 5  A GLY 6  1_555 ? ? ? ? ? ? ? 1.330 ? ? 
covale5  covale both ? A PRO 10 C ? ? ? 1_555 A HYP 11 N ? ? A PRO 10 A HYP 11 1_555 ? ? ? ? ? ? ? 1.324 ? ? 
covale6  covale both ? A HYP 11 C ? ? ? 1_555 A GLY 12 N ? ? A HYP 11 A GLY 12 1_555 ? ? ? ? ? ? ? 1.323 ? ? 
covale7  covale both ? A PRO 13 C ? ? ? 1_555 A HYP 14 N ? ? A PRO 13 A HYP 14 1_555 ? ? ? ? ? ? ? 1.322 ? ? 
covale8  covale both ? A HYP 14 C ? ? ? 1_555 A GLY 15 N ? ? A HYP 14 A GLY 15 1_555 ? ? ? ? ? ? ? 1.321 ? ? 
covale9  covale both ? A PRO 16 C ? ? ? 1_555 A HYP 17 N ? ? A PRO 16 A HYP 17 1_555 ? ? ? ? ? ? ? 1.323 ? ? 
covale10 covale both ? A HYP 17 C ? ? ? 1_555 A GLY 18 N ? ? A HYP 17 A GLY 18 1_555 ? ? ? ? ? ? ? 1.325 ? ? 
covale11 covale both ? A GLY 18 C ? ? ? 1_555 A SAR 19 N ? ? A GLY 18 A SAR 19 1_555 ? ? ? ? ? ? ? 1.422 ? ? 
covale12 covale both ? A SAR 19 C ? ? ? 1_555 A HYP 20 N ? ? A SAR 19 A HYP 20 1_555 ? ? ? ? ? ? ? 1.421 ? ? 
covale13 covale both ? A HYP 20 C ? ? ? 1_555 A GLY 21 N ? ? A HYP 20 A GLY 21 1_555 ? ? ? ? ? ? ? 1.324 ? ? 
covale14 covale both ? A PRO 22 C ? ? ? 1_555 A HYP 23 N ? ? A PRO 22 A HYP 23 1_555 ? ? ? ? ? ? ? 1.324 ? ? 
covale15 covale both ? A HYP 23 C ? ? ? 1_555 A GLY 24 N ? ? A HYP 23 A GLY 24 1_555 ? ? ? ? ? ? ? 1.325 ? ? 
covale16 covale both ? A PRO 25 C ? ? ? 1_555 A HYP 26 N ? ? A PRO 25 A HYP 26 1_555 ? ? ? ? ? ? ? 1.329 ? ? 
covale17 covale both ? B HYP 2  C ? ? ? 1_555 B GLY 3  N ? ? B HYP 2  B GLY 3  1_555 ? ? ? ? ? ? ? 1.329 ? ? 
covale18 covale both ? B PRO 4  C ? ? ? 1_555 B HYP 5  N ? ? B PRO 4  B HYP 5  1_555 ? ? ? ? ? ? ? 1.326 ? ? 
covale19 covale both ? B HYP 5  C ? ? ? 1_555 B GLY 6  N ? ? B HYP 5  B GLY 6  1_555 ? ? ? ? ? ? ? 1.323 ? ? 
covale20 covale both ? B PRO 10 C ? ? ? 1_555 B HYP 11 N ? ? B PRO 10 B HYP 11 1_555 ? ? ? ? ? ? ? 1.318 ? ? 
covale21 covale both ? B HYP 11 C ? ? ? 1_555 B GLY 12 N ? ? B HYP 11 B GLY 12 1_555 ? ? ? ? ? ? ? 1.322 ? ? 
covale22 covale both ? B PRO 13 C ? ? ? 1_555 B HYP 14 N ? ? B PRO 13 B HYP 14 1_555 ? ? ? ? ? ? ? 1.324 ? ? 
covale23 covale both ? B HYP 14 C ? ? ? 1_555 B GLY 15 N ? ? B HYP 14 B GLY 15 1_555 ? ? ? ? ? ? ? 1.317 ? ? 
covale24 covale both ? B PRO 16 C ? ? ? 1_555 B HYP 17 N ? ? B PRO 16 B HYP 17 1_555 ? ? ? ? ? ? ? 1.323 ? ? 
covale25 covale both ? B HYP 17 C ? ? ? 1_555 B GLY 18 N ? ? B HYP 17 B GLY 18 1_555 ? ? ? ? ? ? ? 1.323 ? ? 
covale26 covale both ? B GLY 18 C ? ? ? 1_555 B SAR 19 N ? ? B GLY 18 B SAR 19 1_555 ? ? ? ? ? ? ? 1.424 ? ? 
covale27 covale both ? B SAR 19 C ? ? ? 1_555 B HYP 20 N ? ? B SAR 19 B HYP 20 1_555 ? ? ? ? ? ? ? 1.422 ? ? 
covale28 covale both ? B HYP 20 C ? ? ? 1_555 B GLY 21 N ? ? B HYP 20 B GLY 21 1_555 ? ? ? ? ? ? ? 1.325 ? ? 
covale29 covale both ? B PRO 22 C ? ? ? 1_555 B HYP 23 N ? ? B PRO 22 B HYP 23 1_555 ? ? ? ? ? ? ? 1.325 ? ? 
covale30 covale both ? B HYP 23 C ? ? ? 1_555 B GLY 24 N ? ? B HYP 23 B GLY 24 1_555 ? ? ? ? ? ? ? 1.322 ? ? 
covale31 covale both ? B PRO 25 C ? ? ? 1_555 B HYP 26 N ? ? B PRO 25 B HYP 26 1_555 ? ? ? ? ? ? ? 1.324 ? ? 
covale32 covale both ? B HYP 26 C ? ? ? 1_555 B GLZ 27 N ? ? B HYP 26 B GLZ 27 1_555 ? ? ? ? ? ? ? 1.429 ? ? 
covale33 covale both ? B GLZ 27 C ? ? ? 1_555 B NH2 28 N ? ? B GLZ 27 B NH2 28 1_555 ? ? ? ? ? ? ? 1.452 ? ? 
covale34 covale both ? C HYP 2  C ? ? ? 1_555 C GLY 3  N ? ? C HYP 2  C GLY 3  1_555 ? ? ? ? ? ? ? 1.327 ? ? 
covale35 covale both ? C PRO 4  C ? ? ? 1_555 C HYP 5  N ? ? C PRO 4  C HYP 5  1_555 ? ? ? ? ? ? ? 1.329 ? ? 
covale36 covale both ? C HYP 5  C ? ? ? 1_555 C GLY 6  N ? ? C HYP 5  C GLY 6  1_555 ? ? ? ? ? ? ? 1.325 ? ? 
covale37 covale both ? C PRO 10 C ? ? ? 1_555 C HYP 11 N ? ? C PRO 10 C HYP 11 1_555 ? ? ? ? ? ? ? 1.321 ? ? 
covale38 covale both ? C HYP 11 C ? ? ? 1_555 C GLY 12 N ? ? C HYP 11 C GLY 12 1_555 ? ? ? ? ? ? ? 1.327 ? ? 
covale39 covale both ? C PRO 13 C ? ? ? 1_555 C HYP 14 N ? ? C PRO 13 C HYP 14 1_555 ? ? ? ? ? ? ? 1.322 ? ? 
covale40 covale both ? C HYP 14 C ? ? ? 1_555 C GLY 15 N ? ? C HYP 14 C GLY 15 1_555 ? ? ? ? ? ? ? 1.323 ? ? 
covale41 covale both ? C PRO 16 C ? ? ? 1_555 C HYP 17 N ? ? C PRO 16 C HYP 17 1_555 ? ? ? ? ? ? ? 1.318 ? ? 
covale42 covale both ? C HYP 17 C ? ? ? 1_555 C GLY 18 N ? ? C HYP 17 C GLY 18 1_555 ? ? ? ? ? ? ? 1.326 ? ? 
covale43 covale both ? C GLY 18 C ? ? ? 1_555 C SAR 19 N ? ? C GLY 18 C SAR 19 1_555 ? ? ? ? ? ? ? 1.422 ? ? 
covale44 covale both ? C SAR 19 C ? ? ? 1_555 C HYP 20 N ? ? C SAR 19 C HYP 20 1_555 ? ? ? ? ? ? ? 1.423 ? ? 
covale45 covale both ? C HYP 20 C ? ? ? 1_555 C GLY 21 N ? ? C HYP 20 C GLY 21 1_555 ? ? ? ? ? ? ? 1.322 ? ? 
covale46 covale both ? C PRO 22 C ? ? ? 1_555 C HYP 23 N ? ? C PRO 22 C HYP 23 1_555 ? ? ? ? ? ? ? 1.325 ? ? 
covale47 covale both ? C HYP 23 C ? ? ? 1_555 C GLY 24 N ? ? C HYP 23 C GLY 24 1_555 ? ? ? ? ? ? ? 1.325 ? ? 
covale48 covale both ? C PRO 25 C ? ? ? 1_555 C HYP 26 N ? ? C PRO 25 C HYP 26 1_555 ? ? ? ? ? ? ? 1.332 ? ? 
covale49 covale both ? C HYP 26 C ? ? ? 1_555 C GLZ 27 N ? ? C HYP 26 C GLZ 27 1_555 ? ? ? ? ? ? ? 1.430 ? ? 
covale50 covale both ? C GLZ 27 C ? ? ? 1_555 C NH2 28 N ? ? C GLZ 27 C NH2 28 1_555 ? ? ? ? ? ? ? 1.453 ? ? 
# 
_struct_conn_type.id          covale 
_struct_conn_type.criteria    ? 
_struct_conn_type.reference   ? 
# 
loop_
_struct_site.id 
_struct_site.pdbx_evidence_code 
_struct_site.pdbx_auth_asym_id 
_struct_site.pdbx_auth_comp_id 
_struct_site.pdbx_auth_seq_id 
_struct_site.pdbx_auth_ins_code 
_struct_site.pdbx_num_residues 
_struct_site.details 
AC1 Software C EDO 101 ? 5  'binding site for residue EDO C 101'                
AC2 Software A SAR 19  ? 9  'binding site for residues SAR A 19 and HYP A 20'   
AC3 Software B HYP 2   ? 7  'binding site for Di-peptide HYP B 2 and GLY B 3'   
AC4 Software B PRO 4   ? 7  'binding site for Di-peptide PRO B 4 and HYP B 5'   
AC5 Software B HYP 5   ? 9  'binding site for Di-peptide HYP B 5 and GLY B 6'   
AC6 Software B PRO 10  ? 7  'binding site for Di-peptide PRO B 10 and HYP B 11' 
AC7 Software B HYP 11  ? 8  'binding site for Di-peptide HYP B 11 and GLY B 12' 
AC8 Software B PRO 13  ? 9  'binding site for Di-peptide PRO B 13 and HYP B 14' 
AC9 Software B HYP 14  ? 10 'binding site for Di-peptide HYP B 14 and GLY B 15' 
AD1 Software B PRO 16  ? 9  'binding site for Di-peptide PRO B 16 and HYP B 17' 
AD2 Software B HYP 17  ? 10 'binding site for Di-peptide HYP B 17 and GLY B 18' 
AD3 Software B GLY 18  ? 12 'binding site for Di-peptide GLY B 18 and SAR B 19' 
AD4 Software B SAR 19  ? 9  'binding site for residues SAR B 19 and HYP B 20'   
AD5 Software B HYP 20  ? 11 'binding site for Di-peptide HYP B 20 and GLY B 21' 
AD6 Software B PRO 22  ? 9  'binding site for Di-peptide PRO B 22 and HYP B 23' 
AD7 Software B HYP 23  ? 11 'binding site for Di-peptide HYP B 23 and GLY B 24' 
AD8 Software B PRO 25  ? 9  'binding site for Di-peptide PRO B 25 and HYP B 26' 
AD9 Software B HYP 26  ? 8  'binding site for residues HYP B 26 and GLZ B 27'   
AE1 Software B GLZ 27  ? 6  'binding site for residues GLZ B 27 and NH2 B 28'   
AE2 Software C HYP 2   ? 7  'binding site for Di-peptide HYP C 2 and GLY C 3'   
AE3 Software C PRO 4   ? 7  'binding site for Di-peptide PRO C 4 and HYP C 5'   
AE4 Software C HYP 5   ? 9  'binding site for Di-peptide HYP C 5 and GLY C 6'   
AE5 Software C PRO 10  ? 7  'binding site for Di-peptide PRO C 10 and HYP C 11' 
AE6 Software C HYP 11  ? 8  'binding site for Di-peptide HYP C 11 and GLY C 12' 
AE7 Software C PRO 13  ? 10 'binding site for Di-peptide PRO C 13 and HYP C 14' 
AE8 Software C HYP 14  ? 10 'binding site for Di-peptide HYP C 14 and GLY C 15' 
AE9 Software C PRO 16  ? 10 'binding site for Di-peptide PRO C 16 and HYP C 17' 
AF1 Software C HYP 17  ? 10 'binding site for Di-peptide HYP C 17 and GLY C 18' 
AF2 Software C GLY 18  ? 11 'binding site for Di-peptide GLY C 18 and SAR C 19' 
AF3 Software C SAR 19  ? 10 'binding site for residues SAR C 19 and HYP C 20'   
AF4 Software C HYP 20  ? 10 'binding site for Di-peptide HYP C 20 and GLY C 21' 
AF5 Software C PRO 22  ? 10 'binding site for Di-peptide PRO C 22 and HYP C 23' 
AF6 Software C HYP 23  ? 10 'binding site for Di-peptide HYP C 23 and GLY C 24' 
AF7 Software C PRO 25  ? 11 'binding site for Di-peptide PRO C 25 and HYP C 26' 
AF8 Software C HYP 26  ? 8  'binding site for residues HYP C 26 and GLZ C 27'   
AF9 Software C GLZ 27  ? 5  'binding site for residues GLZ C 27 and NH2 C 28'   
# 
loop_
_struct_site_gen.id 
_struct_site_gen.site_id 
_struct_site_gen.pdbx_num_res 
_struct_site_gen.label_comp_id 
_struct_site_gen.label_asym_id 
_struct_site_gen.label_seq_id 
_struct_site_gen.pdbx_auth_ins_code 
_struct_site_gen.auth_comp_id 
_struct_site_gen.auth_asym_id 
_struct_site_gen.auth_seq_id 
_struct_site_gen.label_atom_id 
_struct_site_gen.label_alt_id 
_struct_site_gen.symmetry 
_struct_site_gen.details 
1   AC1 5  PRO A 1  ? PRO A 1   . ? 1_655 ? 
2   AC1 5  PRO A 10 ? PRO A 10  . ? 1_555 ? 
3   AC1 5  HYP A 11 ? HYP A 11  . ? 1_555 ? 
4   AC1 5  HOH E .  ? HOH A 115 . ? 1_655 ? 
5   AC1 5  ARG C 8  ? ARG C 8   . ? 1_555 ? 
6   AC2 9  GLY A 18 ? GLY A 18  . ? 1_555 ? 
7   AC2 9  GLY A 21 ? GLY A 21  . ? 1_555 ? 
8   AC2 9  HOH E .  ? HOH A 104 . ? 1_555 ? 
9   AC2 9  HOH E .  ? HOH A 112 . ? 1_555 ? 
10  AC2 9  HOH E .  ? HOH A 118 . ? 1_555 ? 
11  AC2 9  GLY B 21 ? GLY B 21  . ? 1_555 ? 
12  AC2 9  PRO B 22 ? PRO B 22  . ? 1_555 ? 
13  AC2 9  HYP C 20 ? HYP C 20  . ? 1_555 ? 
14  AC2 9  GLY C 21 ? GLY C 21  . ? 1_555 ? 
15  AC3 7  PRO A 1  ? PRO A 1   . ? 1_555 ? 
16  AC3 7  PRO B 4  ? PRO B 4   . ? 1_555 ? 
17  AC3 7  HOH F .  ? HOH B 105 . ? 1_555 ? 
18  AC3 7  HYP C 2  ? HYP C 2   . ? 1_555 ? 
19  AC3 7  GLY C 3  ? GLY C 3   . ? 1_555 ? 
20  AC3 7  GLZ C 27 ? GLZ C 27  . ? 1_356 ? 
21  AC3 7  NH2 C 28 ? NH2 C 28  . ? 1_356 ? 
22  AC4 7  HYP A 2  ? HYP A 2   . ? 1_555 ? 
23  AC4 7  GLY A 3  ? GLY A 3   . ? 1_555 ? 
24  AC4 7  GLY B 3  ? GLY B 3   . ? 1_555 ? 
25  AC4 7  GLY B 6  ? GLY B 6   . ? 1_555 ? 
26  AC4 7  HOH F .  ? HOH B 119 . ? 1_555 ? 
27  AC4 7  GLY C 3  ? GLY C 3   . ? 1_555 ? 
28  AC4 7  PRO C 4  ? PRO C 4   . ? 1_555 ? 
29  AC5 9  GLY A 3  ? GLY A 3   . ? 1_555 ? 
30  AC5 9  PRO A 4  ? PRO A 4   . ? 1_555 ? 
31  AC5 9  PRO B 4  ? PRO B 4   . ? 1_555 ? 
32  AC5 9  PRO B 7  ? PRO B 7   . ? 1_555 ? 
33  AC5 9  ARG B 8  ? ARG B 8   . ? 1_555 ? 
34  AC5 9  HOH F .  ? HOH B 111 . ? 1_555 ? 
35  AC5 9  HOH F .  ? HOH B 119 . ? 1_555 ? 
36  AC5 9  PRO C 4  ? PRO C 4   . ? 1_555 ? 
37  AC5 9  GLY C 6  ? GLY C 6   . ? 1_555 ? 
38  AC6 7  ARG A 8  ? ARG A 8   . ? 1_555 ? 
39  AC6 7  GLY A 9  ? GLY A 9   . ? 1_555 ? 
40  AC6 7  GLY B 9  ? GLY B 9   . ? 1_555 ? 
41  AC6 7  GLY B 12 ? GLY B 12  . ? 1_555 ? 
42  AC6 7  HOH F .  ? HOH B 103 . ? 1_555 ? 
43  AC6 7  GLY C 9  ? GLY C 9   . ? 1_555 ? 
44  AC6 7  PRO C 10 ? PRO C 10  . ? 1_555 ? 
45  AC7 8  ARG A 8  ? ARG A 8   . ? 1_555 ? 
46  AC7 8  GLY A 9  ? GLY A 9   . ? 1_555 ? 
47  AC7 8  PRO A 10 ? PRO A 10  . ? 1_555 ? 
48  AC7 8  PRO B 10 ? PRO B 10  . ? 1_555 ? 
49  AC7 8  PRO B 13 ? PRO B 13  . ? 1_555 ? 
50  AC7 8  HOH F .  ? HOH B 103 . ? 1_555 ? 
51  AC7 8  PRO C 10 ? PRO C 10  . ? 1_555 ? 
52  AC7 8  GLY C 12 ? GLY C 12  . ? 1_555 ? 
53  AC8 9  HYP A 11 ? HYP A 11  . ? 1_555 ? 
54  AC8 9  GLY A 12 ? GLY A 12  . ? 1_555 ? 
55  AC8 9  GLY B 12 ? GLY B 12  . ? 1_555 ? 
56  AC8 9  GLY B 15 ? GLY B 15  . ? 1_555 ? 
57  AC8 9  HOH F .  ? HOH B 101 . ? 1_555 ? 
58  AC8 9  HOH F .  ? HOH B 102 . ? 1_555 ? 
59  AC8 9  HOH F .  ? HOH B 104 . ? 1_555 ? 
60  AC8 9  GLY C 12 ? GLY C 12  . ? 1_555 ? 
61  AC8 9  PRO C 13 ? PRO C 13  . ? 1_555 ? 
62  AC9 10 GLY A 12 ? GLY A 12  . ? 1_555 ? 
63  AC9 10 PRO A 13 ? PRO A 13  . ? 1_555 ? 
64  AC9 10 PRO B 13 ? PRO B 13  . ? 1_555 ? 
65  AC9 10 PRO B 16 ? PRO B 16  . ? 1_555 ? 
66  AC9 10 HOH F .  ? HOH B 101 . ? 1_555 ? 
67  AC9 10 HOH F .  ? HOH B 102 . ? 1_555 ? 
68  AC9 10 HOH F .  ? HOH B 104 . ? 1_555 ? 
69  AC9 10 PRO C 13 ? PRO C 13  . ? 1_555 ? 
70  AC9 10 GLY C 15 ? GLY C 15  . ? 1_555 ? 
71  AC9 10 PRO C 16 ? PRO C 16  . ? 1_555 ? 
72  AD1 9  GLY A 12 ? GLY A 12  . ? 1_555 ? 
73  AD1 9  HYP A 14 ? HYP A 14  . ? 1_555 ? 
74  AD1 9  GLY A 15 ? GLY A 15  . ? 1_555 ? 
75  AD1 9  GLY B 15 ? GLY B 15  . ? 1_555 ? 
76  AD1 9  GLY B 18 ? GLY B 18  . ? 1_555 ? 
77  AD1 9  HOH F .  ? HOH B 107 . ? 1_555 ? 
78  AD1 9  HOH F .  ? HOH B 110 . ? 1_555 ? 
79  AD1 9  GLY C 15 ? GLY C 15  . ? 1_555 ? 
80  AD1 9  PRO C 16 ? PRO C 16  . ? 1_555 ? 
81  AD2 10 GLY A 15 ? GLY A 15  . ? 1_555 ? 
82  AD2 10 PRO A 16 ? PRO A 16  . ? 1_555 ? 
83  AD2 10 PRO B 16 ? PRO B 16  . ? 1_555 ? 
84  AD2 10 SAR B 19 ? SAR B 19  . ? 1_555 ? 
85  AD2 10 HOH F .  ? HOH B 107 . ? 1_555 ? 
86  AD2 10 HOH F .  ? HOH B 110 . ? 1_555 ? 
87  AD2 10 HOH F .  ? HOH B 112 . ? 1_555 ? 
88  AD2 10 PRO C 16 ? PRO C 16  . ? 1_555 ? 
89  AD2 10 GLY C 18 ? GLY C 18  . ? 1_555 ? 
90  AD2 10 SAR C 19 ? SAR C 19  . ? 1_555 ? 
91  AD3 12 GLY A 15 ? GLY A 15  . ? 1_555 ? 
92  AD3 12 PRO A 16 ? PRO A 16  . ? 1_555 ? 
93  AD3 12 HYP A 17 ? HYP A 17  . ? 1_555 ? 
94  AD3 12 GLY A 18 ? GLY A 18  . ? 1_555 ? 
95  AD3 12 PRO B 16 ? PRO B 16  . ? 1_555 ? 
96  AD3 12 HYP B 17 ? HYP B 17  . ? 1_555 ? 
97  AD3 12 HYP B 20 ? HYP B 20  . ? 1_555 ? 
98  AD3 12 GLY B 21 ? GLY B 21  . ? 1_555 ? 
99  AD3 12 HOH F .  ? HOH B 112 . ? 1_555 ? 
100 AD3 12 PRO C 16 ? PRO C 16  . ? 1_555 ? 
101 AD3 12 GLY C 18 ? GLY C 18  . ? 1_555 ? 
102 AD3 12 SAR C 19 ? SAR C 19  . ? 1_555 ? 
103 AD4 9  HYP A 17 ? HYP A 17  . ? 1_555 ? 
104 AD4 9  GLY A 18 ? GLY A 18  . ? 1_555 ? 
105 AD4 9  GLY B 18 ? GLY B 18  . ? 1_555 ? 
106 AD4 9  GLY B 21 ? GLY B 21  . ? 1_555 ? 
107 AD4 9  HOH F .  ? HOH B 106 . ? 1_555 ? 
108 AD4 9  HOH F .  ? HOH B 109 . ? 1_555 ? 
109 AD4 9  HOH F .  ? HOH B 117 . ? 1_555 ? 
110 AD4 9  GLY C 18 ? GLY C 18  . ? 1_555 ? 
111 AD4 9  SAR C 19 ? SAR C 19  . ? 1_555 ? 
112 AD5 11 GLY A 18 ? GLY A 18  . ? 1_555 ? 
113 AD5 11 SAR A 19 ? SAR A 19  . ? 1_555 ? 
114 AD5 11 SAR B 19 ? SAR B 19  . ? 1_555 ? 
115 AD5 11 PRO B 22 ? PRO B 22  . ? 1_555 ? 
116 AD5 11 HOH F .  ? HOH B 106 . ? 1_555 ? 
117 AD5 11 HOH F .  ? HOH B 109 . ? 1_555 ? 
118 AD5 11 HOH F .  ? HOH B 116 . ? 1_555 ? 
119 AD5 11 HOH F .  ? HOH B 117 . ? 1_555 ? 
120 AD5 11 SAR C 19 ? SAR C 19  . ? 1_555 ? 
121 AD5 11 GLY C 21 ? GLY C 21  . ? 1_555 ? 
122 AD5 11 PRO C 22 ? PRO C 22  . ? 1_555 ? 
123 AD6 9  HYP A 20 ? HYP A 20  . ? 1_555 ? 
124 AD6 9  GLY A 21 ? GLY A 21  . ? 1_555 ? 
125 AD6 9  GLY B 21 ? GLY B 21  . ? 1_555 ? 
126 AD6 9  GLY B 24 ? GLY B 24  . ? 1_555 ? 
127 AD6 9  HOH F .  ? HOH B 104 . ? 1_655 ? 
128 AD6 9  HOH F .  ? HOH B 108 . ? 1_555 ? 
129 AD6 9  HOH F .  ? HOH B 113 . ? 1_555 ? 
130 AD6 9  GLY C 21 ? GLY C 21  . ? 1_555 ? 
131 AD6 9  PRO C 22 ? PRO C 22  . ? 1_555 ? 
132 AD7 11 GLY A 21 ? GLY A 21  . ? 1_555 ? 
133 AD7 11 PRO A 22 ? PRO A 22  . ? 1_555 ? 
134 AD7 11 PRO B 22 ? PRO B 22  . ? 1_555 ? 
135 AD7 11 PRO B 25 ? PRO B 25  . ? 1_555 ? 
136 AD7 11 HOH F .  ? HOH B 104 . ? 1_655 ? 
137 AD7 11 HOH F .  ? HOH B 108 . ? 1_555 ? 
138 AD7 11 HOH F .  ? HOH B 113 . ? 1_555 ? 
139 AD7 11 HOH F .  ? HOH B 115 . ? 1_555 ? 
140 AD7 11 PRO C 22 ? PRO C 22  . ? 1_555 ? 
141 AD7 11 GLY C 24 ? GLY C 24  . ? 1_555 ? 
142 AD7 11 PRO C 25 ? PRO C 25  . ? 1_555 ? 
143 AD8 9  GLY A 21 ? GLY A 21  . ? 1_555 ? 
144 AD8 9  HYP A 23 ? HYP A 23  . ? 1_555 ? 
145 AD8 9  GLY A 24 ? GLY A 24  . ? 1_555 ? 
146 AD8 9  GLY B 24 ? GLY B 24  . ? 1_555 ? 
147 AD8 9  GLZ B 27 ? GLZ B 27  . ? 1_555 ? 
148 AD8 9  HOH F .  ? HOH B 114 . ? 1_555 ? 
149 AD8 9  HOH F .  ? HOH B 118 . ? 1_555 ? 
150 AD8 9  GLY C 24 ? GLY C 24  . ? 1_555 ? 
151 AD8 9  PRO C 25 ? PRO C 25  . ? 1_555 ? 
152 AD9 8  GLY A 24 ? GLY A 24  . ? 1_555 ? 
153 AD9 8  PRO A 25 ? PRO A 25  . ? 1_555 ? 
154 AD9 8  PRO B 25 ? PRO B 25  . ? 1_555 ? 
155 AD9 8  NH2 B 28 ? NH2 B 28  . ? 1_555 ? 
156 AD9 8  HOH F .  ? HOH B 114 . ? 1_555 ? 
157 AD9 8  HOH F .  ? HOH B 118 . ? 1_555 ? 
158 AD9 8  PRO C 25 ? PRO C 25  . ? 1_555 ? 
159 AD9 8  GLZ C 27 ? GLZ C 27  . ? 1_555 ? 
160 AE1 6  GLY A 24 ? GLY A 24  . ? 1_555 ? 
161 AE1 6  PRO A 25 ? PRO A 25  . ? 1_555 ? 
162 AE1 6  PRO B 25 ? PRO B 25  . ? 1_555 ? 
163 AE1 6  HYP B 26 ? HYP B 26  . ? 1_555 ? 
164 AE1 6  PRO C 25 ? PRO C 25  . ? 1_555 ? 
165 AE1 6  GLZ C 27 ? GLZ C 27  . ? 1_555 ? 
166 AE2 7  PRO A 1  ? PRO A 1   . ? 1_555 ? 
167 AE2 7  GLY A 3  ? GLY A 3   . ? 1_555 ? 
168 AE2 7  PRO A 4  ? PRO A 4   . ? 1_555 ? 
169 AE2 7  GLY B 3  ? GLY B 3   . ? 1_555 ? 
170 AE2 7  PRO B 4  ? PRO B 4   . ? 1_555 ? 
171 AE2 7  PRO C 4  ? PRO C 4   . ? 1_555 ? 
172 AE2 7  HOH G .  ? HOH C 205 . ? 1_555 ? 
173 AE3 7  GLY A 3  ? GLY A 3   . ? 1_555 ? 
174 AE3 7  PRO A 4  ? PRO A 4   . ? 1_555 ? 
175 AE3 7  HYP B 5  ? HYP B 5   . ? 1_555 ? 
176 AE3 7  GLY B 6  ? GLY B 6   . ? 1_555 ? 
177 AE3 7  GLY C 3  ? GLY C 3   . ? 1_555 ? 
178 AE3 7  GLY C 6  ? GLY C 6   . ? 1_555 ? 
179 AE3 7  HOH G .  ? HOH C 202 . ? 1_555 ? 
180 AE4 9  PRO A 4  ? PRO A 4   . ? 1_555 ? 
181 AE4 9  GLY A 6  ? GLY A 6   . ? 1_555 ? 
182 AE4 9  PRO A 7  ? PRO A 7   . ? 1_555 ? 
183 AE4 9  GLY B 6  ? GLY B 6   . ? 1_555 ? 
184 AE4 9  PRO B 7  ? PRO B 7   . ? 1_555 ? 
185 AE4 9  PRO C 4  ? PRO C 4   . ? 1_555 ? 
186 AE4 9  PRO C 7  ? PRO C 7   . ? 1_555 ? 
187 AE4 9  HOH G .  ? HOH C 202 . ? 1_555 ? 
188 AE4 9  HOH G .  ? HOH C 209 . ? 1_555 ? 
189 AE5 7  GLY A 9  ? GLY A 9   . ? 1_555 ? 
190 AE5 7  PRO A 10 ? PRO A 10  . ? 1_555 ? 
191 AE5 7  HYP B 11 ? HYP B 11  . ? 1_555 ? 
192 AE5 7  GLY B 12 ? GLY B 12  . ? 1_555 ? 
193 AE5 7  GLY C 9  ? GLY C 9   . ? 1_555 ? 
194 AE5 7  GLY C 12 ? GLY C 12  . ? 1_555 ? 
195 AE5 7  HOH G .  ? HOH C 212 . ? 1_555 ? 
196 AE6 8  PRO A 10 ? PRO A 10  . ? 1_555 ? 
197 AE6 8  GLY A 12 ? GLY A 12  . ? 1_555 ? 
198 AE6 8  GLY B 12 ? GLY B 12  . ? 1_555 ? 
199 AE6 8  PRO B 13 ? PRO B 13  . ? 1_555 ? 
200 AE6 8  PRO C 10 ? PRO C 10  . ? 1_555 ? 
201 AE6 8  PRO C 13 ? PRO C 13  . ? 1_555 ? 
202 AE6 8  HOH G .  ? HOH C 212 . ? 1_555 ? 
203 AE6 8  HOH G .  ? HOH C 220 . ? 1_555 ? 
204 AE7 10 GLY A 12 ? GLY A 12  . ? 1_555 ? 
205 AE7 10 PRO A 13 ? PRO A 13  . ? 1_555 ? 
206 AE7 10 HYP B 14 ? HYP B 14  . ? 1_555 ? 
207 AE7 10 GLY B 15 ? GLY B 15  . ? 1_555 ? 
208 AE7 10 GLY C 12 ? GLY C 12  . ? 1_555 ? 
209 AE7 10 GLY C 15 ? GLY C 15  . ? 1_555 ? 
210 AE7 10 HOH G .  ? HOH C 214 . ? 1_555 ? 
211 AE7 10 HOH G .  ? HOH C 215 . ? 1_555 ? 
212 AE7 10 HOH G .  ? HOH C 217 . ? 1_555 ? 
213 AE7 10 HOH G .  ? HOH C 219 . ? 1_555 ? 
214 AE8 10 PRO A 13 ? PRO A 13  . ? 1_555 ? 
215 AE8 10 GLY A 15 ? GLY A 15  . ? 1_555 ? 
216 AE8 10 GLY B 15 ? GLY B 15  . ? 1_555 ? 
217 AE8 10 PRO B 16 ? PRO B 16  . ? 1_555 ? 
218 AE8 10 PRO C 13 ? PRO C 13  . ? 1_555 ? 
219 AE8 10 PRO C 16 ? PRO C 16  . ? 1_555 ? 
220 AE8 10 HOH G .  ? HOH C 214 . ? 1_555 ? 
221 AE8 10 HOH G .  ? HOH C 215 . ? 1_555 ? 
222 AE8 10 HOH G .  ? HOH C 217 . ? 1_555 ? 
223 AE8 10 HOH G .  ? HOH C 219 . ? 1_555 ? 
224 AE9 10 GLY A 15 ? GLY A 15  . ? 1_555 ? 
225 AE9 10 PRO A 16 ? PRO A 16  . ? 1_555 ? 
226 AE9 10 GLY B 15 ? GLY B 15  . ? 1_555 ? 
227 AE9 10 HYP B 17 ? HYP B 17  . ? 1_555 ? 
228 AE9 10 GLY B 18 ? GLY B 18  . ? 1_555 ? 
229 AE9 10 GLY C 15 ? GLY C 15  . ? 1_555 ? 
230 AE9 10 GLY C 18 ? GLY C 18  . ? 1_555 ? 
231 AE9 10 HOH G .  ? HOH C 201 . ? 1_555 ? 
232 AE9 10 HOH G .  ? HOH C 210 . ? 1_555 ? 
233 AE9 10 HOH G .  ? HOH C 217 . ? 1_555 ? 
234 AF1 10 PRO A 16 ? PRO A 16  . ? 1_555 ? 
235 AF1 10 GLY A 18 ? GLY A 18  . ? 1_555 ? 
236 AF1 10 GLY B 18 ? GLY B 18  . ? 1_555 ? 
237 AF1 10 SAR B 19 ? SAR B 19  . ? 1_555 ? 
238 AF1 10 PRO C 16 ? PRO C 16  . ? 1_555 ? 
239 AF1 10 SAR C 19 ? SAR C 19  . ? 1_555 ? 
240 AF1 10 HOH G .  ? HOH C 201 . ? 1_555 ? 
241 AF1 10 HOH G .  ? HOH C 208 . ? 1_555 ? 
242 AF1 10 HOH G .  ? HOH C 210 . ? 1_555 ? 
243 AF1 10 HOH G .  ? HOH C 217 . ? 1_555 ? 
244 AF2 11 PRO A 16 ? PRO A 16  . ? 1_555 ? 
245 AF2 11 GLY A 18 ? GLY A 18  . ? 1_555 ? 
246 AF2 11 GLY B 18 ? GLY B 18  . ? 1_555 ? 
247 AF2 11 SAR B 19 ? SAR B 19  . ? 1_555 ? 
248 AF2 11 HYP B 20 ? HYP B 20  . ? 1_555 ? 
249 AF2 11 GLY B 21 ? GLY B 21  . ? 1_555 ? 
250 AF2 11 PRO C 16 ? PRO C 16  . ? 1_555 ? 
251 AF2 11 HYP C 17 ? HYP C 17  . ? 1_555 ? 
252 AF2 11 HYP C 20 ? HYP C 20  . ? 1_555 ? 
253 AF2 11 GLY C 21 ? GLY C 21  . ? 1_555 ? 
254 AF2 11 HOH G .  ? HOH C 208 . ? 1_555 ? 
255 AF3 10 GLY A 18 ? GLY A 18  . ? 1_555 ? 
256 AF3 10 SAR A 19 ? SAR A 19  . ? 1_555 ? 
257 AF3 10 GLY B 18 ? GLY B 18  . ? 1_555 ? 
258 AF3 10 HYP B 20 ? HYP B 20  . ? 1_555 ? 
259 AF3 10 GLY B 21 ? GLY B 21  . ? 1_555 ? 
260 AF3 10 HOH F .  ? HOH B 109 . ? 1_555 ? 
261 AF3 10 GLY C 18 ? GLY C 18  . ? 1_555 ? 
262 AF3 10 GLY C 21 ? GLY C 21  . ? 1_555 ? 
263 AF3 10 HOH G .  ? HOH C 203 . ? 1_555 ? 
264 AF3 10 HOH G .  ? HOH C 222 . ? 1_555 ? 
265 AF4 10 SAR A 19 ? SAR A 19  . ? 1_555 ? 
266 AF4 10 GLY A 21 ? GLY A 21  . ? 1_555 ? 
267 AF4 10 GLY B 21 ? GLY B 21  . ? 1_555 ? 
268 AF4 10 PRO B 22 ? PRO B 22  . ? 1_555 ? 
269 AF4 10 HOH F .  ? HOH B 109 . ? 1_555 ? 
270 AF4 10 SAR C 19 ? SAR C 19  . ? 1_555 ? 
271 AF4 10 PRO C 22 ? PRO C 22  . ? 1_555 ? 
272 AF4 10 HOH G .  ? HOH C 203 . ? 1_555 ? 
273 AF4 10 HOH G .  ? HOH C 216 . ? 1_555 ? 
274 AF4 10 HOH G .  ? HOH C 222 . ? 1_555 ? 
275 AF5 10 GLY A 21 ? GLY A 21  . ? 1_555 ? 
276 AF5 10 PRO A 22 ? PRO A 22  . ? 1_555 ? 
277 AF5 10 GLY B 21 ? GLY B 21  . ? 1_555 ? 
278 AF5 10 HYP B 23 ? HYP B 23  . ? 1_555 ? 
279 AF5 10 GLY B 24 ? GLY B 24  . ? 1_555 ? 
280 AF5 10 GLY C 21 ? GLY C 21  . ? 1_555 ? 
281 AF5 10 GLY C 24 ? GLY C 24  . ? 1_555 ? 
282 AF5 10 HOH G .  ? HOH C 216 . ? 1_555 ? 
283 AF5 10 HOH G .  ? HOH C 218 . ? 1_555 ? 
284 AF5 10 HOH G .  ? HOH C 221 . ? 1_555 ? 
285 AF6 10 PRO A 22 ? PRO A 22  . ? 1_555 ? 
286 AF6 10 GLY A 24 ? GLY A 24  . ? 1_555 ? 
287 AF6 10 GLY B 24 ? GLY B 24  . ? 1_555 ? 
288 AF6 10 PRO B 25 ? PRO B 25  . ? 1_555 ? 
289 AF6 10 PRO C 22 ? PRO C 22  . ? 1_555 ? 
290 AF6 10 PRO C 25 ? PRO C 25  . ? 1_555 ? 
291 AF6 10 HOH G .  ? HOH C 211 . ? 1_555 ? 
292 AF6 10 HOH G .  ? HOH C 216 . ? 1_555 ? 
293 AF6 10 HOH G .  ? HOH C 218 . ? 1_555 ? 
294 AF6 10 HOH G .  ? HOH C 221 . ? 1_555 ? 
295 AF7 11 GLY A 24 ? GLY A 24  . ? 1_555 ? 
296 AF7 11 PRO A 25 ? PRO A 25  . ? 1_555 ? 
297 AF7 11 GLY B 24 ? GLY B 24  . ? 1_555 ? 
298 AF7 11 HYP B 26 ? HYP B 26  . ? 1_555 ? 
299 AF7 11 GLZ B 27 ? GLZ B 27  . ? 1_555 ? 
300 AF7 11 GLY C 24 ? GLY C 24  . ? 1_555 ? 
301 AF7 11 GLZ C 27 ? GLZ C 27  . ? 1_555 ? 
302 AF7 11 NH2 C 28 ? NH2 C 28  . ? 1_555 ? 
303 AF7 11 HOH G .  ? HOH C 204 . ? 1_555 ? 
304 AF7 11 HOH G .  ? HOH C 207 . ? 1_555 ? 
305 AF7 11 HOH G .  ? HOH C 213 . ? 1_555 ? 
306 AF8 8  PRO A 25 ? PRO A 25  . ? 1_555 ? 
307 AF8 8  HYP B 2  ? HYP B 2   . ? 1_754 ? 
308 AF8 8  GLZ B 27 ? GLZ B 27  . ? 1_555 ? 
309 AF8 8  PRO C 25 ? PRO C 25  . ? 1_555 ? 
310 AF8 8  NH2 C 28 ? NH2 C 28  . ? 1_555 ? 
311 AF8 8  HOH G .  ? HOH C 204 . ? 1_555 ? 
312 AF8 8  HOH G .  ? HOH C 207 . ? 1_555 ? 
313 AF8 8  HOH G .  ? HOH C 213 . ? 1_555 ? 
314 AF9 5  PRO A 25 ? PRO A 25  . ? 1_555 ? 
315 AF9 5  HYP B 2  ? HYP B 2   . ? 1_754 ? 
316 AF9 5  GLZ B 27 ? GLZ B 27  . ? 1_555 ? 
317 AF9 5  PRO C 25 ? PRO C 25  . ? 1_555 ? 
318 AF9 5  HYP C 26 ? HYP C 26  . ? 1_555 ? 
# 
_atom_sites.entry_id                    6W47 
_atom_sites.fract_transf_matrix[1][1]   -0.00931923 
_atom_sites.fract_transf_matrix[1][2]   -0.03008657 
_atom_sites.fract_transf_matrix[1][3]   -0.00538036 
_atom_sites.fract_transf_matrix[2][1]   0.03186211 
_atom_sites.fract_transf_matrix[2][2]   -0.00273366 
_atom_sites.fract_transf_matrix[2][3]   -0.03990139 
_atom_sites.fract_transf_matrix[3][1]   0.01811949 
_atom_sites.fract_transf_matrix[3][2]   -0.01279622 
_atom_sites.fract_transf_matrix[3][3]   0.01534548 
_atom_sites.fract_transf_vector[1]      0.203047 
_atom_sites.fract_transf_vector[2]      0.064004 
_atom_sites.fract_transf_vector[3]      0.022445 
# 
loop_
_atom_type.symbol 
C 
N 
O 
# 
loop_
_atom_site.group_PDB 
_atom_site.id 
_atom_site.type_symbol 
_atom_site.label_atom_id 
_atom_site.label_alt_id 
_atom_site.label_comp_id 
_atom_site.label_asym_id 
_atom_site.label_entity_id 
_atom_site.label_seq_id 
_atom_site.pdbx_PDB_ins_code 
_atom_site.Cartn_x 
_atom_site.Cartn_y 
_atom_site.Cartn_z 
_atom_site.occupancy 
_atom_site.B_iso_or_equiv 
_atom_site.pdbx_formal_charge 
_atom_site.auth_seq_id 
_atom_site.auth_comp_id 
_atom_site.auth_asym_id 
_atom_site.auth_atom_id 
_atom_site.pdbx_PDB_model_num 
ATOM   1   N N   . PRO A 1 1  ? 23.601  21.956  15.441  1.00 19.67 ? 1   PRO A N   1 
ATOM   2   C CA  . PRO A 1 1  ? 22.525  22.015  14.448  1.00 17.24 ? 1   PRO A CA  1 
ATOM   3   C C   . PRO A 1 1  ? 21.654  20.765  14.478  1.00 14.61 ? 1   PRO A C   1 
ATOM   4   O O   . PRO A 1 1  ? 22.019  19.756  15.077  1.00 13.75 ? 1   PRO A O   1 
ATOM   5   C CB  . PRO A 1 1  ? 23.284  22.096  13.119  1.00 20.62 ? 1   PRO A CB  1 
ATOM   6   C CG  . PRO A 1 1  ? 24.584  21.445  13.392  1.00 25.11 ? 1   PRO A CG  1 
ATOM   7   C CD  . PRO A 1 1  ? 24.923  21.801  14.808  1.00 22.80 ? 1   PRO A CD  1 
HETATM 8   N N   . HYP A 1 2  ? 20.500  20.843  13.829  1.00 13.12 ? 2   HYP A N   1 
HETATM 9   C CA  . HYP A 1 2  ? 19.624  19.663  13.672  1.00 11.15 ? 2   HYP A CA  1 
HETATM 10  C C   . HYP A 1 2  ? 20.390  18.466  13.032  1.00 11.91 ? 2   HYP A C   1 
HETATM 11  O O   . HYP A 1 2  ? 21.288  18.667  12.192  1.00 14.35 ? 2   HYP A O   1 
HETATM 12  C CB  . HYP A 1 2  ? 18.501  20.094  12.726  1.00 13.75 ? 2   HYP A CB  1 
HETATM 13  C CG  . HYP A 1 2  ? 18.394  21.601  12.945  1.00 15.93 ? 2   HYP A CG  1 
HETATM 14  C CD  . HYP A 1 2  ? 19.861  21.961  13.108  1.00 17.04 ? 2   HYP A CD  1 
HETATM 15  O OD1 . HYP A 1 2  ? 17.670  21.961  14.065  1.00 16.71 ? 2   HYP A OD1 1 
ATOM   16  N N   . GLY A 1 3  ? 20.033  17.259  13.447  1.00 14.90 ? 3   GLY A N   1 
ATOM   17  C CA  . GLY A 1 3  ? 20.643  16.071  12.899  1.00 17.16 ? 3   GLY A CA  1 
ATOM   18  C C   . GLY A 1 3  ? 20.159  15.835  11.488  1.00 14.11 ? 3   GLY A C   1 
ATOM   19  O O   . GLY A 1 3  ? 19.309  16.573  10.981  1.00 13.74 ? 3   GLY A O   1 
ATOM   20  N N   . PRO A 1 4  ? 20.705  14.801  10.832  1.00 15.72 ? 4   PRO A N   1 
ATOM   21  C CA  . PRO A 1 4  ? 20.300  14.438  9.474   1.00 16.63 ? 4   PRO A CA  1 
ATOM   22  C C   . PRO A 1 4  ? 18.823  14.093  9.400   1.00 14.22 ? 4   PRO A C   1 
ATOM   23  O O   . PRO A 1 4  ? 18.243  13.628  10.377  1.00 14.90 ? 4   PRO A O   1 
ATOM   24  C CB  . PRO A 1 4  ? 21.146  13.195  9.180   1.00 21.49 ? 4   PRO A CB  1 
ATOM   25  C CG  . PRO A 1 4  ? 22.329  13.320  10.077  1.00 21.05 ? 4   PRO A CG  1 
ATOM   26  C CD  . PRO A 1 4  ? 21.808  13.961  11.326  1.00 18.98 ? 4   PRO A CD  1 
HETATM 27  N N   . HYP A 1 5  ? 18.225  14.324  8.241   1.00 12.94 ? 5   HYP A N   1 
HETATM 28  C CA  . HYP A 1 5  ? 16.800  13.941  8.013   1.00 13.91 ? 5   HYP A CA  1 
HETATM 29  C C   . HYP A 1 5  ? 16.587  12.400  8.229   1.00 11.04 ? 5   HYP A C   1 
HETATM 30  O O   . HYP A 1 5  ? 17.466  11.604  7.848   1.00 13.33 ? 5   HYP A O   1 
HETATM 31  C CB  . HYP A 1 5  ? 16.488  14.350  6.571   1.00 19.32 ? 5   HYP A CB  1 
HETATM 32  C CG  . HYP A 1 5  ? 17.428  15.537  6.317   1.00 14.87 ? 5   HYP A CG  1 
HETATM 33  C CD  . HYP A 1 5  ? 18.687  15.026  7.021   1.00 15.73 ? 5   HYP A CD  1 
HETATM 34  O OD1 . HYP A 1 5  ? 17.006  16.748  6.857   1.00 17.55 ? 5   HYP A OD1 1 
ATOM   35  N N   . GLY A 1 6  ? 15.468  12.025  8.842   1.00 11.01 ? 6   GLY A N   1 
ATOM   36  C CA  . GLY A 1 6  ? 15.184  10.625  9.114   1.00 10.66 ? 6   GLY A CA  1 
ATOM   37  C C   . GLY A 1 6  ? 14.885  9.760   7.904   1.00 8.07  ? 6   GLY A C   1 
ATOM   38  O O   . GLY A 1 6  ? 14.652  10.267  6.813   1.00 9.55  ? 6   GLY A O   1 
ATOM   39  N N   . PRO A 1 7  ? 14.868  8.443   8.096   1.00 9.28  ? 7   PRO A N   1 
ATOM   40  C CA  . PRO A 1 7  ? 14.588  7.545   6.974   1.00 9.00  ? 7   PRO A CA  1 
ATOM   41  C C   . PRO A 1 7  ? 13.131  7.613   6.551   1.00 8.71  ? 7   PRO A C   1 
ATOM   42  O O   . PRO A 1 7  ? 12.237  7.944   7.332   1.00 8.58  ? 7   PRO A O   1 
ATOM   43  C CB  . PRO A 1 7  ? 14.948  6.159   7.520   1.00 12.49 ? 7   PRO A CB  1 
ATOM   44  C CG  . PRO A 1 7  ? 14.838  6.288   8.993   1.00 15.92 ? 7   PRO A CG  1 
ATOM   45  C CD  . PRO A 1 7  ? 15.174  7.712   9.336   1.00 11.04 ? 7   PRO A CD  1 
ATOM   46  N N   . ARG A 1 8  ? 12.903  7.300   5.283   1.00 7.93  ? 8   ARG A N   1 
ATOM   47  C CA  . ARG A 1 8  ? 11.546  7.197   4.763   1.00 9.38  ? 8   ARG A CA  1 
ATOM   48  C C   . ARG A 1 8  ? 10.779  6.090   5.477   1.00 8.90  ? 8   ARG A C   1 
ATOM   49  O O   . ARG A 1 8  ? 11.343  5.066   5.861   1.00 9.25  ? 8   ARG A O   1 
ATOM   50  C CB  . ARG A 1 8  ? 11.608  6.868   3.277   1.00 10.16 ? 8   ARG A CB  1 
ATOM   51  C CG  . ARG A 1 8  ? 10.255  6.847   2.607   1.00 13.11 ? 8   ARG A CG  1 
ATOM   52  C CD  . ARG A 1 8  ? 10.397  6.679   1.120   1.00 14.26 ? 8   ARG A CD  1 
ATOM   53  N NE  . ARG A 1 8  ? 10.760  5.315   0.752   1.00 13.00 ? 8   ARG A NE  1 
ATOM   54  C CZ  . ARG A 1 8  ? 11.376  4.993   -0.382  1.00 14.71 ? 8   ARG A CZ  1 
ATOM   55  N NH1 . ARG A 1 8  ? 11.711  5.941   -1.244  1.00 16.86 ? 8   ARG A NH1 1 
ATOM   56  N NH2 . ARG A 1 8  ? 11.657  3.726   -0.658  1.00 13.34 ? 8   ARG A NH2 1 
ATOM   57  N N   . GLY A 1 9  ? 9.483   6.316   5.665   1.00 8.08  ? 9   GLY A N   1 
ATOM   58  C CA  . GLY A 1 9  ? 8.622   5.337   6.279   1.00 8.40  ? 9   GLY A CA  1 
ATOM   59  C C   . GLY A 1 9  ? 8.457   4.071   5.465   1.00 7.46  ? 9   GLY A C   1 
ATOM   60  O O   . GLY A 1 9  ? 8.821   3.995   4.291   1.00 6.66  ? 9   GLY A O   1 
ATOM   61  N N   . PRO A 1 10 ? 7.872   3.043   6.078   1.00 7.56  ? 10  PRO A N   1 
ATOM   62  C CA  . PRO A 1 10 ? 7.657   1.779   5.369   1.00 7.58  ? 10  PRO A CA  1 
ATOM   63  C C   . PRO A 1 10 ? 6.581   1.938   4.300   1.00 6.26  ? 10  PRO A C   1 
ATOM   64  O O   . PRO A 1 10 ? 5.677   2.758   4.434   1.00 6.98  ? 10  PRO A O   1 
ATOM   65  C CB  . PRO A 1 10 ? 7.143   0.836   6.467   1.00 10.31 ? 10  PRO A CB  1 
ATOM   66  C CG  . PRO A 1 10 ? 7.359   1.529   7.764   1.00 11.17 ? 10  PRO A CG  1 
ATOM   67  C CD  . PRO A 1 10 ? 7.443   2.989   7.486   1.00 7.36  ? 10  PRO A CD  1 
HETATM 68  N N   . HYP A 1 11 ? 6.667   1.137   3.248   1.00 6.50  ? 11  HYP A N   1 
HETATM 69  C CA  . HYP A 1 11 ? 5.587   1.074   2.256   1.00 6.57  ? 11  HYP A CA  1 
HETATM 70  C C   . HYP A 1 11 ? 4.258   0.755   2.984   1.00 6.04  ? 11  HYP A C   1 
HETATM 71  O O   . HYP A 1 11 ? 4.265   0.037   4.001   1.00 8.58  ? 11  HYP A O   1 
HETATM 72  C CB  . HYP A 1 11 ? 5.947   -0.094  1.341   1.00 8.29  ? 11  HYP A CB  1 
HETATM 73  C CG  . HYP A 1 11 ? 7.466   -0.143  1.405   1.00 8.24  ? 11  HYP A CG  1 
HETATM 74  C CD  . HYP A 1 11 ? 7.645   0.112   2.902   1.00 9.54  ? 11  HYP A CD  1 
HETATM 75  O OD1 . HYP A 1 11 ? 8.079   0.831   0.652   1.00 10.48 ? 11  HYP A OD1 1 
ATOM   76  N N   . GLY A 1 12 ? 3.158   1.290   2.480   1.00 6.40  ? 12  GLY A N   1 
ATOM   77  C CA  . GLY A 1 12 ? 1.859   0.994   3.052   1.00 6.87  ? 12  GLY A CA  1 
ATOM   78  C C   . GLY A 1 12 ? 1.480   -0.473  2.945   1.00 5.52  ? 12  GLY A C   1 
ATOM   79  O O   . GLY A 1 12 ? 2.132   -1.253  2.249   1.00 7.18  ? 12  GLY A O   1 
ATOM   80  N N   . PRO A 1 13 ? 0.402   -0.864  3.631   1.00 6.68  ? 13  PRO A N   1 
ATOM   81  C CA  . PRO A 1 13 ? -0.084  -2.236  3.552   1.00 7.46  ? 13  PRO A CA  1 
ATOM   82  C C   . PRO A 1 13 ? -0.658  -2.522  2.169   1.00 7.20  ? 13  PRO A C   1 
ATOM   83  O O   . PRO A 1 13 ? -1.035  -1.626  1.425   1.00 6.58  ? 13  PRO A O   1 
ATOM   84  C CB  . PRO A 1 13 ? -1.197  -2.269  4.597   1.00 9.48  ? 13  PRO A CB  1 
ATOM   85  C CG  . PRO A 1 13 ? -1.700  -0.883  4.619   1.00 9.65  ? 13  PRO A CG  1 
ATOM   86  C CD  . PRO A 1 13 ? -0.491  -0.013  4.435   1.00 8.02  ? 13  PRO A CD  1 
HETATM 87  N N   . HYP A 1 14 ? -0.754  -3.799  1.839   1.00 7.33  ? 14  HYP A N   1 
HETATM 88  C CA  . HYP A 1 14 ? -1.432  -4.241  0.606   1.00 7.48  ? 14  HYP A CA  1 
HETATM 89  C C   . HYP A 1 14 ? -2.852  -3.655  0.480   1.00 7.78  ? 14  HYP A C   1 
HETATM 90  O O   . HYP A 1 14 ? -3.568  -3.521  1.485   1.00 7.05  ? 14  HYP A O   1 
HETATM 91  C CB  . HYP A 1 14 ? -1.510  -5.747  0.703   1.00 9.32  ? 14  HYP A CB  1 
HETATM 92  C CG  . HYP A 1 14 ? -0.261  -6.104  1.492   1.00 9.45  ? 14  HYP A CG  1 
HETATM 93  C CD  . HYP A 1 14 ? -0.267  -4.989  2.528   1.00 10.01 ? 14  HYP A CD  1 
HETATM 94  O OD1 . HYP A 1 14 ? 0.899   -6.076  0.738   1.00 9.77  ? 14  HYP A OD1 1 
ATOM   95  N N   . GLY A 1 15 ? -3.227  -3.296  -0.734  1.00 6.75  ? 15  GLY A N   1 
ATOM   96  C CA  . GLY A 1 15 ? -4.571  -2.842  -0.991  1.00 8.22  ? 15  GLY A CA  1 
ATOM   97  C C   . GLY A 1 15 ? -5.585  -3.937  -0.747  1.00 7.42  ? 15  GLY A C   1 
ATOM   98  O O   . GLY A 1 15 ? -5.240  -5.104  -0.568  1.00 7.13  ? 15  GLY A O   1 
ATOM   99  N N   . PRO A 1 16 ? -6.860  -3.564  -0.750  1.00 8.16  ? 16  PRO A N   1 
ATOM   100 C CA  . PRO A 1 16 ? -7.925  -4.552  -0.603  1.00 7.06  ? 16  PRO A CA  1 
ATOM   101 C C   . PRO A 1 16 ? -8.048  -5.441  -1.837  1.00 7.40  ? 16  PRO A C   1 
ATOM   102 O O   . PRO A 1 16 ? -7.612  -5.075  -2.920  1.00 7.39  ? 16  PRO A O   1 
ATOM   103 C CB  . PRO A 1 16 ? -9.173  -3.682  -0.456  1.00 12.40 ? 16  PRO A CB  1 
ATOM   104 C CG  . PRO A 1 16 ? -8.850  -2.428  -1.167  1.00 16.32 ? 16  PRO A CG  1 
ATOM   105 C CD  . PRO A 1 16 ? -7.375  -2.208  -0.995  1.00 10.81 ? 16  PRO A CD  1 
HETATM 106 N N   . HYP A 1 17 ? -8.671  -6.597  -1.674  1.00 6.38  ? 17  HYP A N   1 
HETATM 107 C CA  . HYP A 1 17 ? -8.974  -7.469  -2.811  1.00 6.82  ? 17  HYP A CA  1 
HETATM 108 C C   . HYP A 1 17 ? -9.819  -6.710  -3.866  1.00 6.47  ? 17  HYP A C   1 
HETATM 109 O O   . HYP A 1 17 ? -10.621 -5.829  -3.504  1.00 8.05  ? 17  HYP A O   1 
HETATM 110 C CB  . HYP A 1 17 ? -9.802  -8.600  -2.230  1.00 8.25  ? 17  HYP A CB  1 
HETATM 111 C CG  . HYP A 1 17 ? -9.251  -8.736  -0.822  1.00 8.55  ? 17  HYP A CG  1 
HETATM 112 C CD  . HYP A 1 17 ? -9.154  -7.264  -0.448  1.00 7.52  ? 17  HYP A CD  1 
HETATM 113 O OD1 . HYP A 1 17 ? -8.009  -9.342  -0.775  1.00 8.65  ? 17  HYP A OD1 1 
ATOM   114 N N   . GLY A 1 18 ? -9.648  -7.067  -5.130  1.00 7.03  ? 18  GLY A N   1 
ATOM   115 C CA  . GLY A 1 18 ? -10.436 -6.479  -6.184  1.00 7.58  ? 18  GLY A CA  1 
ATOM   116 C C   . GLY A 1 18 ? -11.874 -6.936  -6.182  1.00 6.57  ? 18  GLY A C   1 
ATOM   117 O O   . GLY A 1 18 ? -12.323 -7.710  -5.348  1.00 7.44  ? 18  GLY A O   1 
HETATM 118 N N   . SAR A 1 19 ? -12.651 -6.341  -7.214  1.00 8.24  ? 19  SAR A N   1 
HETATM 119 C CA  . SAR A 1 19 ? -14.040 -6.728  -7.281  1.00 9.74  ? 19  SAR A CA  1 
HETATM 120 C C   . SAR A 1 19 ? -14.158 -8.139  -7.843  1.00 6.88  ? 19  SAR A C   1 
HETATM 121 O O   . SAR A 1 19 ? -13.313 -8.747  -8.415  1.00 7.42  ? 19  SAR A O   1 
HETATM 122 C CN  . SAR A 1 19 ? -12.247 -5.474  -8.295  1.00 9.69  ? 19  SAR A CN  1 
HETATM 123 N N   . HYP A 1 20 ? -15.508 -8.582  -7.873  1.00 7.94  ? 20  HYP A N   1 
HETATM 124 C CA  . HYP A 1 20 ? -15.796 -9.878  -8.467  1.00 8.56  ? 20  HYP A CA  1 
HETATM 125 C C   . HYP A 1 20 ? -15.502 -9.886  -9.992  1.00 9.57  ? 20  HYP A C   1 
HETATM 126 O O   . HYP A 1 20 ? -15.589 -8.833  -10.651 1.00 9.00  ? 20  HYP A O   1 
HETATM 127 C CB  . HYP A 1 20 ? -17.292 -10.086 -8.229  1.00 9.18  ? 20  HYP A CB  1 
HETATM 128 C CG  . HYP A 1 20 ? -17.558 -9.282  -6.960  1.00 9.11  ? 20  HYP A CG  1 
HETATM 129 C CD  . HYP A 1 20 ? -16.687 -8.063  -7.219  1.00 11.20 ? 20  HYP A CD  1 
HETATM 130 O OD1 . HYP A 1 20 ? -17.189 -9.928  -5.797  1.00 10.06 ? 20  HYP A OD1 1 
ATOM   131 N N   . GLY A 1 21 ? -15.143 -11.050 -10.512 1.00 8.76  ? 21  GLY A N   1 
ATOM   132 C CA  . GLY A 1 21 ? -14.973 -11.208 -11.937 1.00 9.28  ? 21  GLY A CA  1 
ATOM   133 C C   . GLY A 1 21 ? -16.265 -11.000 -12.697 1.00 9.39  ? 21  GLY A C   1 
ATOM   134 O O   . GLY A 1 21 ? -17.336 -10.895 -12.116 1.00 9.42  ? 21  GLY A O   1 
ATOM   135 N N   . PRO A 1 22 ? -16.170 -10.933 -14.025 1.00 10.45 ? 22  PRO A N   1 
ATOM   136 C CA  . PRO A 1 22 ? -17.360 -10.815 -14.870 1.00 11.36 ? 22  PRO A CA  1 
ATOM   137 C C   . PRO A 1 22 ? -18.203 -12.075 -14.785 1.00 10.87 ? 22  PRO A C   1 
ATOM   138 O O   . PRO A 1 22 ? -17.721 -13.134 -14.382 1.00 10.02 ? 22  PRO A O   1 
ATOM   139 C CB  . PRO A 1 22 ? -16.778 -10.650 -16.277 1.00 16.03 ? 22  PRO A CB  1 
ATOM   140 C CG  . PRO A 1 22 ? -15.397 -11.178 -16.193 1.00 15.33 ? 22  PRO A CG  1 
ATOM   141 C CD  . PRO A 1 22 ? -14.923 -10.962 -14.799 1.00 11.12 ? 22  PRO A CD  1 
HETATM 142 N N   . HYP A 1 23 ? -19.472 -11.955 -15.145 1.00 13.12 ? 23  HYP A N   1 
HETATM 143 C CA  . HYP A 1 23 ? -20.353 -13.123 -15.173 1.00 15.22 ? 23  HYP A CA  1 
HETATM 144 C C   . HYP A 1 23 ? -19.820 -14.161 -16.206 1.00 14.73 ? 23  HYP A C   1 
HETATM 145 O O   . HYP A 1 23 ? -19.136 -13.773 -17.170 1.00 14.93 ? 23  HYP A O   1 
HETATM 146 C CB  . HYP A 1 23 ? -21.749 -12.617 -15.599 1.00 17.68 ? 23  HYP A CB  1 
HETATM 147 C CG  . HYP A 1 23 ? -21.736 -11.105 -15.341 1.00 21.64 ? 23  HYP A CG  1 
HETATM 148 C CD  . HYP A 1 23 ? -20.258 -10.786 -15.590 1.00 17.24 ? 23  HYP A CD  1 
HETATM 149 O OD1 . HYP A 1 23 ? -22.152 -10.714 -14.078 1.00 26.10 ? 23  HYP A OD1 1 
ATOM   150 N N   . GLY A 1 24 ? -20.106 -15.435 -15.985 1.00 14.77 ? 24  GLY A N   1 
ATOM   151 C CA  . GLY A 1 24 ? -19.712 -16.454 -16.936 1.00 14.20 ? 24  GLY A CA  1 
ATOM   152 C C   . GLY A 1 24 ? -20.519 -16.330 -18.212 1.00 15.28 ? 24  GLY A C   1 
ATOM   153 O O   . GLY A 1 24 ? -21.491 -15.578 -18.276 1.00 16.81 ? 24  GLY A O   1 
ATOM   154 N N   . PRO A 1 25 ? -20.122 -17.078 -19.245 1.00 18.15 ? 25  PRO A N   1 
ATOM   155 C CA  . PRO A 1 25 ? -20.839 -17.049 -20.524 1.00 21.44 ? 25  PRO A CA  1 
ATOM   156 C C   . PRO A 1 25 ? -22.230 -17.654 -20.384 1.00 26.03 ? 25  PRO A C   1 
ATOM   157 O O   . PRO A 1 25 ? -22.437 -18.524 -19.538 1.00 25.09 ? 25  PRO A O   1 
ATOM   158 C CB  . PRO A 1 25 ? -19.977 -17.933 -21.435 1.00 22.99 ? 25  PRO A CB  1 
ATOM   159 C CG  . PRO A 1 25 ? -18.676 -18.135 -20.705 1.00 22.68 ? 25  PRO A CG  1 
ATOM   160 C CD  . PRO A 1 25 ? -18.998 -18.025 -19.254 1.00 18.90 ? 25  PRO A CD  1 
HETATM 161 N N   . HYP A 1 26 ? -23.174 -17.194 -21.199 1.00 28.55 ? 26  HYP A N   1 
HETATM 162 C CA  . HYP A 1 26 ? -24.540 -17.794 -21.223 1.00 29.15 ? 26  HYP A CA  1 
HETATM 163 C C   . HYP A 1 26 ? -24.526 -19.328 -21.584 1.00 31.98 ? 26  HYP A C   1 
HETATM 164 O O   . HYP A 1 26 ? -24.022 -19.706 -22.658 1.00 34.08 ? 26  HYP A O   1 
HETATM 165 C CB  . HYP A 1 26 ? -25.345 -17.026 -22.282 1.00 28.33 ? 26  HYP A CB  1 
HETATM 166 C CG  . HYP A 1 26 ? -24.640 -15.673 -22.430 1.00 25.50 ? 26  HYP A CG  1 
HETATM 167 C CD  . HYP A 1 26 ? -23.170 -16.079 -22.170 1.00 27.14 ? 26  HYP A CD  1 
HETATM 168 O OD1 . HYP A 1 26 ? -25.093 -14.671 -21.582 1.00 32.06 ? 26  HYP A OD1 1 
HETATM 169 N N   . HYP B 1 2  ? 25.708  18.400  21.173  1.00 38.27 ? 2   HYP B N   1 
HETATM 170 C CA  . HYP B 1 2  ? 24.846  17.823  20.104  1.00 33.56 ? 2   HYP B CA  1 
HETATM 171 C C   . HYP B 1 2  ? 23.470  18.578  19.947  1.00 32.97 ? 2   HYP B C   1 
HETATM 172 O O   . HYP B 1 2  ? 22.792  18.856  20.952  1.00 31.76 ? 2   HYP B O   1 
HETATM 173 C CB  . HYP B 1 2  ? 24.578  16.350  20.468  1.00 35.24 ? 2   HYP B CB  1 
HETATM 174 C CG  . HYP B 1 2  ? 25.588  15.970  21.563  1.00 37.90 ? 2   HYP B CG  1 
HETATM 175 C CD  . HYP B 1 2  ? 25.905  17.349  22.200  1.00 38.28 ? 2   HYP B CD  1 
HETATM 176 O OD1 . HYP B 1 2  ? 26.715  15.277  21.123  1.00 45.30 ? 2   HYP B OD1 1 
ATOM   177 N N   . GLY B 1 3  ? 23.096  18.882  18.708  1.00 28.71 ? 3   GLY B N   1 
ATOM   178 C CA  . GLY B 1 3  ? 21.842  19.561  18.435  1.00 24.24 ? 3   GLY B CA  1 
ATOM   179 C C   . GLY B 1 3  ? 20.618  18.689  18.640  1.00 23.15 ? 3   GLY B C   1 
ATOM   180 O O   . GLY B 1 3  ? 20.724  17.563  19.128  1.00 26.16 ? 3   GLY B O   1 
ATOM   181 N N   . PRO B 1 4  ? 19.441  19.205  18.261  1.00 19.16 ? 4   PRO B N   1 
ATOM   182 C CA  . PRO B 1 4  ? 18.190  18.456  18.381  1.00 17.22 ? 4   PRO B CA  1 
ATOM   183 C C   . PRO B 1 4  ? 18.083  17.382  17.310  1.00 15.42 ? 4   PRO B C   1 
ATOM   184 O O   . PRO B 1 4  ? 18.808  17.428  16.317  1.00 14.07 ? 4   PRO B O   1 
ATOM   185 C CB  . PRO B 1 4  ? 17.126  19.531  18.158  1.00 19.22 ? 4   PRO B CB  1 
ATOM   186 C CG  . PRO B 1 4  ? 17.779  20.507  17.251  1.00 18.87 ? 4   PRO B CG  1 
ATOM   187 C CD  . PRO B 1 4  ? 19.242  20.516  17.618  1.00 16.95 ? 4   PRO B CD  1 
HETATM 188 N N   . HYP B 1 5  ? 17.194  16.420  17.513  1.00 16.14 ? 5   HYP B N   1 
HETATM 189 C CA  . HYP B 1 5  ? 16.947  15.399  16.483  1.00 16.24 ? 5   HYP B CA  1 
HETATM 190 C C   . HYP B 1 5  ? 16.580  16.046  15.107  1.00 13.33 ? 5   HYP B C   1 
HETATM 191 O O   . HYP B 1 5  ? 15.936  17.110  15.058  1.00 14.18 ? 5   HYP B O   1 
HETATM 192 C CB  . HYP B 1 5  ? 15.791  14.523  16.994  1.00 19.19 ? 5   HYP B CB  1 
HETATM 193 C CG  . HYP B 1 5  ? 15.904  14.613  18.512  1.00 22.39 ? 5   HYP B CG  1 
HETATM 194 C CD  . HYP B 1 5  ? 16.299  16.093  18.653  1.00 18.92 ? 5   HYP B CD  1 
HETATM 195 O OD1 . HYP B 1 5  ? 16.825  13.746  19.085  1.00 25.45 ? 5   HYP B OD1 1 
ATOM   196 N N   . GLY B 1 6  ? 17.029  15.407  14.039  1.00 12.02 ? 6   GLY B N   1 
ATOM   197 C CA  . GLY B 1 6  ? 16.749  15.863  12.698  1.00 12.81 ? 6   GLY B CA  1 
ATOM   198 C C   . GLY B 1 6  ? 15.281  15.791  12.336  1.00 9.82  ? 6   GLY B C   1 
ATOM   199 O O   . GLY B 1 6  ? 14.456  15.240  13.088  1.00 9.71  ? 6   GLY B O   1 
ATOM   200 N N   . PRO B 1 7  ? 14.941  16.345  11.178  1.00 9.87  ? 7   PRO B N   1 
ATOM   201 C CA  . PRO B 1 7  ? 13.550  16.295  10.730  1.00 10.33 ? 7   PRO B CA  1 
ATOM   202 C C   . PRO B 1 7  ? 13.145  14.862  10.432  1.00 9.62  ? 7   PRO B C   1 
ATOM   203 O O   . PRO B 1 7  ? 13.953  14.029  10.009  1.00 9.98  ? 7   PRO B O   1 
ATOM   204 C CB  . PRO B 1 7  ? 13.558  17.127  9.443   1.00 12.63 ? 7   PRO B CB  1 
ATOM   205 C CG  . PRO B 1 7  ? 14.815  17.945  9.510   1.00 15.07 ? 7   PRO B CG  1 
ATOM   206 C CD  . PRO B 1 7  ? 15.796  17.085  10.237  1.00 12.04 ? 7   PRO B CD  1 
ATOM   207 N N   . ARG B 1 8  ? 11.876  14.579  10.686  1.00 8.86  ? 8   ARG B N   1 
ATOM   208 C CA  . ARG B 1 8  ? 11.319  13.261  10.434  1.00 7.34  ? 8   ARG B CA  1 
ATOM   209 C C   . ARG B 1 8  ? 11.399  12.922  8.953   1.00 7.89  ? 8   ARG B C   1 
ATOM   210 O O   . ARG B 1 8  ? 11.243  13.778  8.083   1.00 8.99  ? 8   ARG B O   1 
ATOM   211 C CB  . ARG B 1 8  ? 9.856   13.263  10.854  1.00 9.63  ? 8   ARG B CB  1 
ATOM   212 C CG  . ARG B 1 8  ? 9.172   11.909  10.765  1.00 8.77  ? 8   ARG B CG  1 
ATOM   213 C CD  . ARG B 1 8  ? 7.786   11.974  11.369  1.00 10.10 ? 8   ARG B CD  1 
ATOM   214 N NE  . ARG B 1 8  ? 7.807   12.520  12.722  1.00 11.35 ? 8   ARG B NE  1 
ATOM   215 C CZ  . ARG B 1 8  ? 7.931   11.786  13.823  1.00 11.20 ? 8   ARG B CZ  1 
ATOM   216 N NH1 . ARG B 1 8  ? 8.048   10.467  13.740  1.00 14.70 ? 8   ARG B NH1 1 
ATOM   217 N NH2 . ARG B 1 8  ? 7.946   12.372  15.011  1.00 12.66 ? 8   ARG B NH2 1 
ATOM   218 N N   . GLY B 1 9  ? 11.630  11.643  8.660   1.00 8.56  ? 9   GLY B N   1 
ATOM   219 C CA  . GLY B 1 9  ? 11.615  11.179  7.300   1.00 8.00  ? 9   GLY B CA  1 
ATOM   220 C C   . GLY B 1 9  ? 10.258  11.301  6.643   1.00 7.03  ? 9   GLY B C   1 
ATOM   221 O O   . GLY B 1 9  ? 9.220   11.449  7.296   1.00 7.96  ? 9   GLY B O   1 
ATOM   222 N N   . PRO B 1 10 ? 10.240  11.194  5.315   1.00 7.45  ? 10  PRO B N   1 
ATOM   223 C CA  . PRO B 1 10 ? 8.992   11.273  4.564   1.00 7.28  ? 10  PRO B CA  1 
ATOM   224 C C   . PRO B 1 10 ? 8.151   10.012  4.774   1.00 7.47  ? 10  PRO B C   1 
ATOM   225 O O   . PRO B 1 10 ? 8.633   8.990   5.253   1.00 7.81  ? 10  PRO B O   1 
ATOM   226 C CB  . PRO B 1 10 ? 9.472   11.384  3.116   1.00 8.61  ? 10  PRO B CB  1 
ATOM   227 C CG  . PRO B 1 10 ? 10.767  10.696  3.108   1.00 11.18 ? 10  PRO B CG  1 
ATOM   228 C CD  . PRO B 1 10 ? 11.396  10.939  4.442   1.00 7.98  ? 10  PRO B CD  1 
HETATM 229 N N   . HYP B 1 11 ? 6.881   10.101  4.434   1.00 7.59  ? 11  HYP B N   1 
HETATM 230 C CA  . HYP B 1 11 ? 5.994   8.944   4.526   1.00 6.69  ? 11  HYP B CA  1 
HETATM 231 C C   . HYP B 1 11 ? 6.441   7.861   3.534   1.00 6.75  ? 11  HYP B C   1 
HETATM 232 O O   . HYP B 1 11 ? 7.114   8.179   2.537   1.00 7.23  ? 11  HYP B O   1 
HETATM 233 C CB  . HYP B 1 11 ? 4.610   9.461   4.130   1.00 9.79  ? 11  HYP B CB  1 
HETATM 234 C CG  . HYP B 1 11 ? 4.695   10.968  4.385   1.00 9.55  ? 11  HYP B CG  1 
HETATM 235 C CD  . HYP B 1 11 ? 6.101   11.225  3.925   1.00 10.88 ? 11  HYP B CD  1 
HETATM 236 O OD1 . HYP B 1 11 ? 4.597   11.346  5.722   1.00 9.59  ? 11  HYP B OD1 1 
ATOM   237 N N   . GLY B 1 12 ? 6.090   6.614   3.796   1.00 8.45  ? 12  GLY B N   1 
ATOM   238 C CA  . GLY B 1 12 ? 6.406   5.567   2.851   1.00 7.36  ? 12  GLY B CA  1 
ATOM   239 C C   . GLY B 1 12 ? 5.575   5.709   1.601   1.00 6.18  ? 12  GLY B C   1 
ATOM   240 O O   . GLY B 1 12 ? 4.640   6.481   1.516   1.00 6.46  ? 12  GLY B O   1 
ATOM   241 N N   . PRO B 1 13 ? 5.911   4.924   0.586   1.00 7.84  ? 13  PRO B N   1 
ATOM   242 C CA  . PRO B 1 13 ? 5.087   4.929   -0.619  1.00 7.90  ? 13  PRO B CA  1 
ATOM   243 C C   . PRO B 1 13 ? 3.804   4.166   -0.365  1.00 7.05  ? 13  PRO B C   1 
ATOM   244 O O   . PRO B 1 13 ? 3.677   3.453   0.637   1.00 7.08  ? 13  PRO B O   1 
ATOM   245 C CB  . PRO B 1 13 ? 5.931   4.131   -1.618  1.00 10.10 ? 13  PRO B CB  1 
ATOM   246 C CG  . PRO B 1 13 ? 6.686   3.198   -0.783  1.00 10.16 ? 13  PRO B CG  1 
ATOM   247 C CD  . PRO B 1 13 ? 7.018   3.965   0.494   1.00 9.95  ? 13  PRO B CD  1 
HETATM 248 N N   . HYP B 1 14 ? 2.837   4.360   -1.247  1.00 8.59  ? 14  HYP B N   1 
HETATM 249 C CA  . HYP B 1 14 ? 1.657   3.506   -1.257  1.00 9.28  ? 14  HYP B CA  1 
HETATM 250 C C   . HYP B 1 14 ? 2.046   2.011   -1.212  1.00 7.02  ? 14  HYP B C   1 
HETATM 251 O O   . HYP B 1 14 ? 3.099   1.605   -1.733  1.00 7.69  ? 14  HYP B O   1 
HETATM 252 C CB  . HYP B 1 14 ? 0.962   3.767   -2.591  1.00 11.40 ? 14  HYP B CB  1 
HETATM 253 C CG  . HYP B 1 14 ? 1.263   5.224   -2.876  1.00 10.83 ? 14  HYP B CG  1 
HETATM 254 C CD  . HYP B 1 14 ? 2.717   5.266   -2.410  1.00 11.21 ? 14  HYP B CD  1 
HETATM 255 O OD1 . HYP B 1 14 ? 0.451   6.119   -2.191  1.00 12.48 ? 14  HYP B OD1 1 
ATOM   256 N N   . GLY B 1 15 ? 1.213   1.225   -0.562  1.00 6.04  ? 15  GLY B N   1 
ATOM   257 C CA  . GLY B 1 15 ? 1.426   -0.201  -0.560  1.00 6.66  ? 15  GLY B CA  1 
ATOM   258 C C   . GLY B 1 15 ? 1.250   -0.832  -1.925  1.00 5.81  ? 15  GLY B C   1 
ATOM   259 O O   . GLY B 1 15 ? 0.853   -0.181  -2.886  1.00 6.52  ? 15  GLY B O   1 
ATOM   260 N N   . PRO B 1 16 ? 1.527   -2.134  -2.006  1.00 7.47  ? 16  PRO B N   1 
ATOM   261 C CA  . PRO B 1 16 ? 1.291   -2.894  -3.229  1.00 7.51  ? 16  PRO B CA  1 
ATOM   262 C C   . PRO B 1 16 ? -0.202  -2.994  -3.482  1.00 8.07  ? 16  PRO B C   1 
ATOM   263 O O   . PRO B 1 16 ? -0.992  -2.912  -2.554  1.00 7.48  ? 16  PRO B O   1 
ATOM   264 C CB  . PRO B 1 16 ? 1.817   -4.293  -2.887  1.00 13.54 ? 16  PRO B CB  1 
ATOM   265 C CG  . PRO B 1 16 ? 2.644   -4.138  -1.664  1.00 12.83 ? 16  PRO B CG  1 
ATOM   266 C CD  . PRO B 1 16 ? 2.096   -2.957  -0.932  1.00 8.66  ? 16  PRO B CD  1 
HETATM 267 N N   . HYP B 1 17 ? -0.591  -3.186  -4.732  1.00 7.73  ? 17  HYP B N   1 
HETATM 268 C CA  . HYP B 1 17 ? -2.017  -3.435  -5.029  1.00 7.46  ? 17  HYP B CA  1 
HETATM 269 C C   . HYP B 1 17 ? -2.522  -4.704  -4.311  1.00 7.29  ? 17  HYP B C   1 
HETATM 270 O O   . HYP B 1 17 ? -1.715  -5.599  -4.004  1.00 7.78  ? 17  HYP B O   1 
HETATM 271 C CB  . HYP B 1 17 ? -2.109  -3.682  -6.530  1.00 10.57 ? 17  HYP B CB  1 
HETATM 272 C CG  . HYP B 1 17 ? -0.908  -2.966  -7.115  1.00 9.98  ? 17  HYP B CG  1 
HETATM 273 C CD  . HYP B 1 17 ? 0.131   -3.233  -6.023  1.00 8.37  ? 17  HYP B CD  1 
HETATM 274 O OD1 . HYP B 1 17 ? -1.101  -1.608  -7.326  1.00 10.81 ? 17  HYP B OD1 1 
ATOM   275 N N   . GLY B 1 18 ? -3.816  -4.748  -4.037  1.00 7.08  ? 18  GLY B N   1 
ATOM   276 C CA  . GLY B 1 18 ? -4.409  -5.943  -3.486  1.00 6.72  ? 18  GLY B CA  1 
ATOM   277 C C   . GLY B 1 18 ? -4.397  -7.084  -4.487  1.00 6.64  ? 18  GLY B C   1 
ATOM   278 O O   . GLY B 1 18 ? -4.079  -6.934  -5.664  1.00 7.02  ? 18  GLY B O   1 
HETATM 279 N N   . SAR B 1 19 ? -4.885  -8.324  -3.983  1.00 8.58  ? 19  SAR B N   1 
HETATM 280 C CA  . SAR B 1 19 ? -5.015  -9.461  -4.874  1.00 9.28  ? 19  SAR B CA  1 
HETATM 281 C C   . SAR B 1 19 ? -6.297  -9.295  -5.685  1.00 6.55  ? 19  SAR B C   1 
HETATM 282 O O   . SAR B 1 19 ? -7.164  -8.540  -5.407  1.00 7.22  ? 19  SAR B O   1 
HETATM 283 C CN  . SAR B 1 19 ? -5.263  -8.601  -2.612  1.00 9.18  ? 19  SAR B CN  1 
HETATM 284 N N   . HYP B 1 20 ? -6.425  -10.336 -6.645  1.00 7.56  ? 20  HYP B N   1 
HETATM 285 C CA  . HYP B 1 20 ? -7.630  -10.314 -7.483  1.00 7.17  ? 20  HYP B CA  1 
HETATM 286 C C   . HYP B 1 20 ? -8.897  -10.604 -6.653  1.00 6.95  ? 20  HYP B C   1 
HETATM 287 O O   . HYP B 1 20 ? -8.796  -11.239 -5.597  1.00 7.97  ? 20  HYP B O   1 
HETATM 288 C CB  . HYP B 1 20 ? -7.421  -11.457 -8.467  1.00 8.12  ? 20  HYP B CB  1 
HETATM 289 C CG  . HYP B 1 20 ? -5.903  -11.511 -8.634  1.00 9.20  ? 20  HYP B CG  1 
HETATM 290 C CD  . HYP B 1 20 ? -5.482  -11.302 -7.190  1.00 8.90  ? 20  HYP B CD  1 
HETATM 291 O OD1 . HYP B 1 20 ? -5.392  -10.528 -9.463  1.00 10.22 ? 20  HYP B OD1 1 
ATOM   292 N N   . GLY B 1 21 ? -10.034 -10.104 -7.113  1.00 6.31  ? 21  GLY B N   1 
ATOM   293 C CA  . GLY B 1 21 ? -11.300 -10.400 -6.484  1.00 6.97  ? 21  GLY B CA  1 
ATOM   294 C C   . GLY B 1 21 ? -11.728 -11.837 -6.627  1.00 6.41  ? 21  GLY B C   1 
ATOM   295 O O   . GLY B 1 21 ? -11.042 -12.651 -7.225  1.00 7.15  ? 21  GLY B O   1 
ATOM   296 N N   . PRO B 1 22 ? -12.901 -12.163 -6.072  1.00 6.58  ? 22  PRO B N   1 
ATOM   297 C CA  . PRO B 1 22 ? -13.467 -13.507 -6.182  1.00 5.88  ? 22  PRO B CA  1 
ATOM   298 C C   . PRO B 1 22 ? -13.979 -13.773 -7.595  1.00 6.90  ? 22  PRO B C   1 
ATOM   299 O O   . PRO B 1 22 ? -14.168 -12.861 -8.399  1.00 7.56  ? 22  PRO B O   1 
ATOM   300 C CB  . PRO B 1 22 ? -14.625 -13.486 -5.182  1.00 8.76  ? 22  PRO B CB  1 
ATOM   301 C CG  . PRO B 1 22 ? -15.019 -12.075 -5.088  1.00 11.69 ? 22  PRO B CG  1 
ATOM   302 C CD  . PRO B 1 22 ? -13.789 -11.242 -5.338  1.00 7.00  ? 22  PRO B CD  1 
HETATM 303 N N   . HYP B 1 23 ? -14.189 -15.044 -7.906  1.00 7.27  ? 23  HYP B N   1 
HETATM 304 C CA  . HYP B 1 23 ? -14.770 -15.427 -9.203  1.00 8.16  ? 23  HYP B CA  1 
HETATM 305 C C   . HYP B 1 23 ? -16.134 -14.748 -9.420  1.00 7.25  ? 23  HYP B C   1 
HETATM 306 O O   . HYP B 1 23 ? -16.872 -14.514 -8.447  1.00 8.07  ? 23  HYP B O   1 
HETATM 307 C CB  . HYP B 1 23 ? -14.976 -16.933 -9.153  1.00 8.46  ? 23  HYP B CB  1 
HETATM 308 C CG  . HYP B 1 23 ? -13.866 -17.399 -8.234  1.00 7.87  ? 23  HYP B CG  1 
HETATM 309 C CD  . HYP B 1 23 ? -13.943 -16.298 -7.179  1.00 9.36  ? 23  HYP B CD  1 
HETATM 310 O OD1 . HYP B 1 23 ? -12.620 -17.435 -8.830  1.00 8.77  ? 23  HYP B OD1 1 
ATOM   311 N N   . GLY B 1 24 ? -16.424 -14.410 -10.665 1.00 7.51  ? 24  GLY B N   1 
ATOM   312 C CA  . GLY B 1 24 ? -17.689 -13.819 -11.025 1.00 7.84  ? 24  GLY B CA  1 
ATOM   313 C C   . GLY B 1 24 ? -18.860 -14.762 -10.858 1.00 8.22  ? 24  GLY B C   1 
ATOM   314 O O   . GLY B 1 24 ? -18.687 -15.953 -10.594 1.00 8.25  ? 24  GLY B O   1 
ATOM   315 N N   . PRO B 1 25 ? -20.074 -14.229 -11.038 1.00 9.60  ? 25  PRO B N   1 
ATOM   316 C CA  . PRO B 1 25 ? -21.284 -15.034 -10.901 1.00 10.30 ? 25  PRO B CA  1 
ATOM   317 C C   . PRO B 1 25 ? -21.456 -16.000 -12.061 1.00 10.61 ? 25  PRO B C   1 
ATOM   318 O O   . PRO B 1 25 ? -20.914 -15.794 -13.151 1.00 9.97  ? 25  PRO B O   1 
ATOM   319 C CB  . PRO B 1 25 ? -22.402 -13.988 -10.909 1.00 12.76 ? 25  PRO B CB  1 
ATOM   320 C CG  . PRO B 1 25 ? -21.839 -12.838 -11.666 1.00 16.81 ? 25  PRO B CG  1 
ATOM   321 C CD  . PRO B 1 25 ? -20.364 -12.829 -11.389 1.00 12.25 ? 25  PRO B CD  1 
HETATM 322 N N   . HYP B 1 26 ? -22.214 -17.058 -11.821 1.00 11.20 ? 26  HYP B N   1 
HETATM 323 C CA  . HYP B 1 26 ? -22.558 -17.991 -12.886 1.00 12.74 ? 26  HYP B CA  1 
HETATM 324 C C   . HYP B 1 26 ? -23.318 -17.248 -14.039 1.00 13.71 ? 26  HYP B C   1 
HETATM 325 O O   . HYP B 1 26 ? -24.031 -16.267 -13.763 1.00 14.55 ? 26  HYP B O   1 
HETATM 326 C CB  . HYP B 1 26 ? -23.485 -19.026 -12.241 1.00 12.33 ? 26  HYP B CB  1 
HETATM 327 C CG  . HYP B 1 26 ? -23.061 -19.060 -10.783 1.00 11.81 ? 26  HYP B CG  1 
HETATM 328 C CD  . HYP B 1 26 ? -22.808 -17.577 -10.568 1.00 10.74 ? 26  HYP B CD  1 
HETATM 329 O OD1 . HYP B 1 26 ? -21.921 -19.796 -10.534 1.00 13.00 ? 26  HYP B OD1 1 
HETATM 330 N N   . GLZ B 1 27 ? -23.027 -17.750 -15.344 1.00 15.36 ? 27  GLZ B N   1 
HETATM 331 C CA  . GLZ B 1 27 ? -23.662 -17.026 -16.434 1.00 17.32 ? 27  GLZ B CA  1 
HETATM 332 C C   . GLZ B 1 27 ? -25.178 -17.222 -16.410 1.00 22.41 ? 27  GLZ B C   1 
HETATM 333 O O   . GLZ B 1 27 ? -25.666 -18.090 -15.762 1.00 20.98 ? 27  GLZ B O   1 
HETATM 334 N N   . NH2 B 1 28 ? -26.020 -16.333 -17.189 1.00 25.64 ? 28  NH2 B N   1 
HETATM 335 N N   . HYP C 1 2  ? 26.190  18.151  15.509  1.00 25.88 ? 2   HYP C N   1 
HETATM 336 C CA  . HYP C 1 2  ? 24.854  17.810  14.944  1.00 23.44 ? 2   HYP C CA  1 
HETATM 337 C C   . HYP C 1 2  ? 24.059  16.805  15.838  1.00 27.44 ? 2   HYP C C   1 
HETATM 338 O O   . HYP C 1 2  ? 24.659  15.916  16.469  1.00 28.75 ? 2   HYP C O   1 
HETATM 339 C CB  . HYP C 1 2  ? 25.097  17.181  13.565  1.00 27.52 ? 2   HYP C CB  1 
HETATM 340 C CG  . HYP C 1 2  ? 26.464  17.707  13.122  1.00 29.39 ? 2   HYP C CG  1 
HETATM 341 C CD  . HYP C 1 2  ? 27.193  17.802  14.484  1.00 30.85 ? 2   HYP C CD  1 
HETATM 342 O OD1 . HYP C 1 2  ? 26.439  18.908  12.423  1.00 35.30 ? 2   HYP C OD1 1 
ATOM   343 N N   . GLY C 1 3  ? 22.742  16.962  15.872  1.00 23.45 ? 3   GLY C N   1 
ATOM   344 C CA  . GLY C 1 3  ? 21.901  16.079  16.652  1.00 22.82 ? 3   GLY C CA  1 
ATOM   345 C C   . GLY C 1 3  ? 21.756  14.715  16.017  1.00 22.33 ? 3   GLY C C   1 
ATOM   346 O O   . GLY C 1 3  ? 22.300  14.460  14.945  1.00 21.32 ? 3   GLY C O   1 
ATOM   347 N N   . PRO C 1 4  ? 21.023  13.817  16.685  1.00 22.60 ? 4   PRO C N   1 
ATOM   348 C CA  . PRO C 1 4  ? 20.779  12.487  16.122  1.00 24.40 ? 4   PRO C CA  1 
ATOM   349 C C   . PRO C 1 4  ? 19.918  12.600  14.869  1.00 19.17 ? 4   PRO C C   1 
ATOM   350 O O   . PRO C 1 4  ? 19.200  13.589  14.721  1.00 18.30 ? 4   PRO C O   1 
ATOM   351 C CB  . PRO C 1 4  ? 20.001  11.772  17.233  1.00 25.77 ? 4   PRO C CB  1 
ATOM   352 C CG  . PRO C 1 4  ? 20.236  12.588  18.475  1.00 27.16 ? 4   PRO C CG  1 
ATOM   353 C CD  . PRO C 1 4  ? 20.399  13.993  18.004  1.00 22.74 ? 4   PRO C CD  1 
HETATM 354 N N   . HYP C 1 5  ? 19.999  11.621  13.974  1.00 22.21 ? 5   HYP C N   1 
HETATM 355 C CA  . HYP C 1 5  ? 19.115  11.603  12.780  1.00 19.96 ? 5   HYP C CA  1 
HETATM 356 C C   . HYP C 1 5  ? 17.608  11.666  13.195  1.00 15.36 ? 5   HYP C C   1 
HETATM 357 O O   . HYP C 1 5  ? 17.256  11.230  14.304  1.00 16.47 ? 5   HYP C O   1 
HETATM 358 C CB  . HYP C 1 5  ? 19.389  10.287  12.035  1.00 22.14 ? 5   HYP C CB  1 
HETATM 359 C CG  . HYP C 1 5  ? 20.812  9.898   12.443  1.00 26.01 ? 5   HYP C CG  1 
HETATM 360 C CD  . HYP C 1 5  ? 20.827  10.392  13.905  1.00 24.68 ? 5   HYP C CD  1 
HETATM 361 O OD1 . HYP C 1 5  ? 21.823  10.452  11.668  1.00 31.64 ? 5   HYP C OD1 1 
ATOM   362 N N   . GLY C 1 6  ? 16.761  12.209  12.333  1.00 14.51 ? 6   GLY C N   1 
ATOM   363 C CA  . GLY C 1 6  ? 15.355  12.292  12.660  1.00 12.22 ? 6   GLY C CA  1 
ATOM   364 C C   . GLY C 1 6  ? 14.696  10.931  12.709  1.00 11.32 ? 6   GLY C C   1 
ATOM   365 O O   . GLY C 1 6  ? 15.260  9.939   12.258  1.00 12.13 ? 6   GLY C O   1 
ATOM   366 N N   . PRO C 1 7  ? 13.490  10.891  13.247  1.00 10.61 ? 7   PRO C N   1 
ATOM   367 C CA  . PRO C 1 7  ? 12.744  9.632   13.314  1.00 11.72 ? 7   PRO C CA  1 
ATOM   368 C C   . PRO C 1 7  ? 12.306  9.188   11.928  1.00 9.15  ? 7   PRO C C   1 
ATOM   369 O O   . PRO C 1 7  ? 12.179  9.986   10.998  1.00 9.90  ? 7   PRO C O   1 
ATOM   370 C CB  . PRO C 1 7  ? 11.526  9.991   14.171  1.00 12.71 ? 7   PRO C CB  1 
ATOM   371 C CG  . PRO C 1 7  ? 11.388  11.482  14.021  1.00 12.57 ? 7   PRO C CG  1 
ATOM   372 C CD  . PRO C 1 7  ? 12.758  12.025  13.832  1.00 12.63 ? 7   PRO C CD  1 
ATOM   373 N N   . ARG C 1 8  ? 12.083  7.884   11.803  1.00 10.97 ? 8   ARG C N   1 
ATOM   374 C CA  A ARG C 1 8  ? 11.584  7.344   10.547  0.60 10.06 ? 8   ARG C CA  1 
ATOM   375 C CA  B ARG C 1 8  ? 11.577  7.326   10.557  0.40 10.08 ? 8   ARG C CA  1 
ATOM   376 C C   . ARG C 1 8  ? 10.174  7.854   10.287  1.00 9.62  ? 8   ARG C C   1 
ATOM   377 O O   . ARG C 1 8  ? 9.378   8.044   11.211  1.00 9.77  ? 8   ARG C O   1 
ATOM   378 C CB  A ARG C 1 8  ? 11.606  5.812   10.563  0.60 11.23 ? 8   ARG C CB  1 
ATOM   379 C CB  B ARG C 1 8  ? 11.559  5.799   10.669  0.40 11.28 ? 8   ARG C CB  1 
ATOM   380 C CG  A ARG C 1 8  ? 11.290  5.188   9.204   0.60 11.37 ? 8   ARG C CG  1 
ATOM   381 C CG  B ARG C 1 8  ? 10.863  5.069   9.536   0.40 10.66 ? 8   ARG C CG  1 
ATOM   382 C CD  A ARG C 1 8  ? 11.423  3.667   9.170   0.60 12.98 ? 8   ARG C CD  1 
ATOM   383 C CD  B ARG C 1 8  ? 11.045  3.556   9.653   0.40 13.25 ? 8   ARG C CD  1 
ATOM   384 N NE  A ARG C 1 8  ? 11.242  3.184   7.803   0.60 11.87 ? 8   ARG C NE  1 
ATOM   385 N NE  B ARG C 1 8  ? 9.871   2.898   10.223  0.40 13.81 ? 8   ARG C NE  1 
ATOM   386 C CZ  A ARG C 1 8  ? 11.123  1.909   7.452   0.60 11.42 ? 8   ARG C CZ  1 
ATOM   387 C CZ  B ARG C 1 8  ? 9.810   1.607   10.536  0.40 13.72 ? 8   ARG C CZ  1 
ATOM   388 N NH1 A ARG C 1 8  ? 11.154  0.951   8.371   0.60 15.54 ? 8   ARG C NH1 1 
ATOM   389 N NH1 B ARG C 1 8  ? 10.862  0.823   10.340  0.40 17.67 ? 8   ARG C NH1 1 
ATOM   390 N NH2 A ARG C 1 8  ? 10.965  1.595   6.175   0.60 10.38 ? 8   ARG C NH2 1 
ATOM   391 N NH2 B ARG C 1 8  ? 8.697   1.098   11.048  0.40 14.19 ? 8   ARG C NH2 1 
ATOM   392 N N   . GLY C 1 9  ? 9.874   8.099   9.015   1.00 7.71  ? 9   GLY C N   1 
ATOM   393 C CA  . GLY C 1 9  ? 8.570   8.568   8.607   1.00 7.46  ? 9   GLY C CA  1 
ATOM   394 C C   . GLY C 1 9  ? 7.473   7.544   8.835   1.00 7.02  ? 9   GLY C C   1 
ATOM   395 O O   . GLY C 1 9  ? 7.728   6.370   9.108   1.00 7.32  ? 9   GLY C O   1 
ATOM   396 N N   . PRO C 1 10 ? 6.213   7.977   8.720   1.00 7.01  ? 10  PRO C N   1 
ATOM   397 C CA  . PRO C 1 10 ? 5.079   7.073   8.925   1.00 6.60  ? 10  PRO C CA  1 
ATOM   398 C C   . PRO C 1 10 ? 4.906   6.112   7.763   1.00 5.90  ? 10  PRO C C   1 
ATOM   399 O O   . PRO C 1 10 ? 5.423   6.327   6.667   1.00 6.37  ? 10  PRO C O   1 
ATOM   400 C CB  . PRO C 1 10 ? 3.892   8.026   9.032   1.00 8.67  ? 10  PRO C CB  1 
ATOM   401 C CG  . PRO C 1 10 ? 4.301   9.222   8.259   1.00 10.14 ? 10  PRO C CG  1 
ATOM   402 C CD  . PRO C 1 10 ? 5.787   9.353   8.415   1.00 8.33  ? 10  PRO C CD  1 
HETATM 403 N N   . HYP C 1 11 ? 4.155   5.049   7.987   1.00 6.05  ? 11  HYP C N   1 
HETATM 404 C CA  . HYP C 1 11 ? 3.827   4.121   6.899   1.00 5.89  ? 11  HYP C CA  1 
HETATM 405 C C   . HYP C 1 11 ? 3.069   4.867   5.786   1.00 5.46  ? 11  HYP C C   1 
HETATM 406 O O   . HYP C 1 11 ? 2.353   5.848   6.065   1.00 7.49  ? 11  HYP C O   1 
HETATM 407 C CB  . HYP C 1 11 ? 2.890   3.089   7.511   1.00 9.02  ? 11  HYP C CB  1 
HETATM 408 C CG  . HYP C 1 11 ? 3.248   3.094   8.987   1.00 9.18  ? 11  HYP C CG  1 
HETATM 409 C CD  . HYP C 1 11 ? 3.435   4.583   9.195   1.00 7.44  ? 11  HYP C CD  1 
HETATM 410 O OD1 . HYP C 1 11 ? 4.384   2.385   9.291   1.00 12.20 ? 11  HYP C OD1 1 
ATOM   411 N N   . GLY C 1 12 ? 3.246   4.406   4.554   1.00 6.55  ? 12  GLY C N   1 
ATOM   412 C CA  . GLY C 1 12 ? 2.530   4.984   3.443   1.00 7.15  ? 12  GLY C CA  1 
ATOM   413 C C   . GLY C 1 12 ? 1.065   4.610   3.409   1.00 4.97  ? 12  GLY C C   1 
ATOM   414 O O   . GLY C 1 12 ? 0.577   3.810   4.220   1.00 6.63  ? 12  GLY C O   1 
ATOM   415 N N   . PRO C 1 13 ? 0.346   5.176   2.437   1.00 6.77  ? 13  PRO C N   1 
ATOM   416 C CA  . PRO C 1 13 ? -1.059  4.833   2.247   1.00 7.07  ? 13  PRO C CA  1 
ATOM   417 C C   . PRO C 1 13 ? -1.232  3.373   1.886   1.00 6.48  ? 13  PRO C C   1 
ATOM   418 O O   . PRO C 1 13 ? -0.322  2.730   1.344   1.00 6.21  ? 13  PRO C O   1 
ATOM   419 C CB  . PRO C 1 13 ? -1.467  5.691   1.048   1.00 9.62  ? 13  PRO C CB  1 
ATOM   420 C CG  . PRO C 1 13 ? -0.445  6.766   0.952   1.00 11.04 ? 13  PRO C CG  1 
ATOM   421 C CD  . PRO C 1 13 ? 0.816   6.169   1.460   1.00 7.13  ? 13  PRO C CD  1 
HETATM 422 N N   . HYP C 1 14 ? -2.409  2.841   2.172   1.00 7.42  ? 14  HYP C N   1 
HETATM 423 C CA  . HYP C 1 14 ? -2.768  1.513   1.677   1.00 6.50  ? 14  HYP C CA  1 
HETATM 424 C C   . HYP C 1 14 ? -2.598  1.467   0.156   1.00 8.03  ? 14  HYP C C   1 
HETATM 425 O O   . HYP C 1 14 ? -2.813  2.483   -0.530  1.00 7.59  ? 14  HYP C O   1 
HETATM 426 C CB  . HYP C 1 14 ? -4.252  1.334   1.990   1.00 8.36  ? 14  HYP C CB  1 
HETATM 427 C CG  . HYP C 1 14 ? -4.439  2.161   3.242   1.00 8.54  ? 14  HYP C CG  1 
HETATM 428 C CD  . HYP C 1 14 ? -3.565  3.379   2.911   1.00 8.06  ? 14  HYP C CD  1 
HETATM 429 O OD1 . HYP C 1 14 ? -4.009  1.534   4.396   1.00 9.12  ? 14  HYP C OD1 1 
ATOM   430 N N   . GLY C 1 15 ? -2.207  0.303   -0.338  1.00 5.77  ? 15  GLY C N   1 
ATOM   431 C CA  . GLY C 1 15 ? -2.135  0.078   -1.757  1.00 7.39  ? 15  GLY C CA  1 
ATOM   432 C C   . GLY C 1 15 ? -3.486  0.187   -2.437  1.00 7.29  ? 15  GLY C C   1 
ATOM   433 O O   . GLY C 1 15 ? -4.539  0.215   -1.788  1.00 7.84  ? 15  GLY C O   1 
ATOM   434 N N   . PRO C 1 16 ? -3.468  0.238   -3.770  1.00 7.37  ? 16  PRO C N   1 
ATOM   435 C CA  . PRO C 1 16 ? -4.700  0.275   -4.549  1.00 7.97  ? 16  PRO C CA  1 
ATOM   436 C C   . PRO C 1 16 ? -5.457  -1.041  -4.454  1.00 7.40  ? 16  PRO C C   1 
ATOM   437 O O   . PRO C 1 16 ? -4.892  -2.075  -4.113  1.00 7.87  ? 16  PRO C O   1 
ATOM   438 C CB  . PRO C 1 16 ? -4.208  0.495   -5.984  1.00 10.64 ? 16  PRO C CB  1 
ATOM   439 C CG  . PRO C 1 16 ? -2.795  0.899   -5.886  1.00 13.18 ? 16  PRO C CG  1 
ATOM   440 C CD  . PRO C 1 16 ? -2.268  0.343   -4.613  1.00 8.80  ? 16  PRO C CD  1 
HETATM 441 N N   . HYP C 1 17 ? -6.737  -0.985  -4.762  1.00 8.74  ? 17  HYP C N   1 
HETATM 442 C CA  . HYP C 1 17 ? -7.532  -2.208  -4.809  1.00 8.66  ? 17  HYP C CA  1 
HETATM 443 C C   . HYP C 1 17 ? -6.951  -3.195  -5.868  1.00 7.36  ? 17  HYP C C   1 
HETATM 444 O O   . HYP C 1 17 ? -6.380  -2.754  -6.886  1.00 7.37  ? 17  HYP C O   1 
HETATM 445 C CB  . HYP C 1 17 ? -8.930  -1.789  -5.253  1.00 10.58 ? 17  HYP C CB  1 
HETATM 446 C CG  . HYP C 1 17 ? -9.047  -0.351  -4.769  1.00 13.21 ? 17  HYP C CG  1 
HETATM 447 C CD  . HYP C 1 17 ? -7.636  0.140   -5.076  1.00 11.60 ? 17  HYP C CD  1 
HETATM 448 O OD1 . HYP C 1 17 ? -9.348  -0.217  -3.422  1.00 20.00 ? 17  HYP C OD1 1 
ATOM   449 N N   . GLY C 1 18 ? -7.103  -4.486  -5.608  1.00 7.95  ? 18  GLY C N   1 
ATOM   450 C CA  . GLY C 1 18 ? -6.735  -5.505  -6.559  1.00 7.57  ? 18  GLY C CA  1 
ATOM   451 C C   . GLY C 1 18 ? -7.556  -5.395  -7.821  1.00 7.71  ? 18  GLY C C   1 
ATOM   452 O O   . GLY C 1 18 ? -8.543  -4.697  -7.918  1.00 8.36  ? 18  GLY C O   1 
HETATM 453 N N   . SAR C 1 19 ? -7.103  -6.303  -8.817  1.00 8.39  ? 19  SAR C N   1 
HETATM 454 C CA  . SAR C 1 19 ? -7.842  -6.398  -10.055 1.00 8.79  ? 19  SAR C CA  1 
HETATM 455 C C   . SAR C 1 19 ? -9.104  -7.239  -9.845  1.00 8.16  ? 19  SAR C C   1 
HETATM 456 O O   . SAR C 1 19 ? -9.324  -7.925  -8.903  1.00 7.15  ? 19  SAR C O   1 
HETATM 457 C CN  . SAR C 1 19 ? -5.960  -7.186  -8.770  1.00 7.84  ? 19  SAR C CN  1 
HETATM 458 N N   . HYP C 1 20 ? -9.774  -7.333  -11.096 1.00 8.33  ? 20  HYP C N   1 
HETATM 459 C CA  . HYP C 1 20 ? -11.006 -8.138  -11.127 1.00 8.33  ? 20  HYP C CA  1 
HETATM 460 C C   . HYP C 1 20 ? -10.732 -9.646  -10.903 1.00 6.53  ? 20  HYP C C   1 
HETATM 461 O O   . HYP C 1 20 ? -9.671  -10.157 -11.293 1.00 7.69  ? 20  HYP C O   1 
HETATM 462 C CB  . HYP C 1 20 ? -11.587 -7.907  -12.519 1.00 11.25 ? 20  HYP C CB  1 
HETATM 463 C CG  . HYP C 1 20 ? -11.108 -6.501  -12.879 1.00 14.57 ? 20  HYP C CG  1 
HETATM 464 C CD  . HYP C 1 20 ? -9.684  -6.570  -12.331 1.00 11.14 ? 20  HYP C CD  1 
HETATM 465 O OD1 . HYP C 1 20 ? -11.833 -5.477  -12.287 1.00 17.77 ? 20  HYP C OD1 1 
ATOM   466 N N   . GLY C 1 21 ? -11.678 -10.333 -10.285 1.00 7.21  ? 21  GLY C N   1 
ATOM   467 C CA  . GLY C 1 21 ? -11.558 -11.766 -10.149 1.00 6.85  ? 21  GLY C CA  1 
ATOM   468 C C   . GLY C 1 21 ? -11.700 -12.481 -11.477 1.00 7.85  ? 21  GLY C C   1 
ATOM   469 O O   . GLY C 1 21 ? -11.981 -11.864 -12.504 1.00 7.59  ? 21  GLY C O   1 
ATOM   470 N N   . PRO C 1 22 ? -11.529 -13.811 -11.456 1.00 8.02  ? 22  PRO C N   1 
ATOM   471 C CA  . PRO C 1 22 ? -11.716 -14.663 -12.627 1.00 10.71 ? 22  PRO C CA  1 
ATOM   472 C C   . PRO C 1 22 ? -13.159 -14.602 -13.097 1.00 8.71  ? 22  PRO C C   1 
ATOM   473 O O   . PRO C 1 22 ? -14.067 -14.349 -12.314 1.00 8.08  ? 22  PRO C O   1 
ATOM   474 C CB  . PRO C 1 22 ? -11.416 -16.062 -12.082 1.00 11.06 ? 22  PRO C CB  1 
ATOM   475 C CG  . PRO C 1 22 ? -10.590 -15.853 -10.878 1.00 11.03 ? 22  PRO C CG  1 
ATOM   476 C CD  . PRO C 1 22 ? -11.101 -14.582 -10.279 1.00 9.29  ? 22  PRO C CD  1 
HETATM 477 N N   . HYP C 1 23 ? -13.372 -14.847 -14.381 1.00 9.46  ? 23  HYP C N   1 
HETATM 478 C CA  . HYP C 1 23 ? -14.746 -14.907 -14.919 1.00 8.81  ? 23  HYP C CA  1 
HETATM 479 C C   . HYP C 1 23 ? -15.556 -16.027 -14.208 1.00 10.14 ? 23  HYP C C   1 
HETATM 480 O O   . HYP C 1 23 ? -14.970 -17.033 -13.774 1.00 9.40  ? 23  HYP C O   1 
HETATM 481 C CB  . HYP C 1 23 ? -14.604 -15.237 -16.400 1.00 10.50 ? 23  HYP C CB  1 
HETATM 482 C CG  . HYP C 1 23 ? -13.231 -14.684 -16.765 1.00 10.98 ? 23  HYP C CG  1 
HETATM 483 C CD  . HYP C 1 23 ? -12.451 -15.073 -15.513 1.00 11.63 ? 23  HYP C CD  1 
HETATM 484 O OD1 . HYP C 1 23 ? -13.203 -13.318 -16.970 1.00 13.46 ? 23  HYP C OD1 1 
ATOM   485 N N   . GLY C 1 24 ? -16.860 -15.827 -14.079 1.00 9.06  ? 24  GLY C N   1 
ATOM   486 C CA  . GLY C 1 24 ? -17.711 -16.818 -13.456 1.00 9.66  ? 24  GLY C CA  1 
ATOM   487 C C   . GLY C 1 24 ? -17.931 -18.055 -14.306 1.00 9.58  ? 24  GLY C C   1 
ATOM   488 O O   . GLY C 1 24 ? -17.537 -18.114 -15.476 1.00 9.73  ? 24  GLY C O   1 
ATOM   489 N N   . PRO C 1 25 ? -18.577 -19.072 -13.728 1.00 9.77  ? 25  PRO C N   1 
ATOM   490 C CA  . PRO C 1 25 ? -18.852 -20.306 -14.475 1.00 11.76 ? 25  PRO C CA  1 
ATOM   491 C C   . PRO C 1 25 ? -19.888 -20.118 -15.577 1.00 11.86 ? 25  PRO C C   1 
ATOM   492 O O   . PRO C 1 25 ? -20.712 -19.206 -15.503 1.00 12.61 ? 25  PRO C O   1 
ATOM   493 C CB  . PRO C 1 25 ? -19.406 -21.259 -13.406 1.00 16.28 ? 25  PRO C CB  1 
ATOM   494 C CG  . PRO C 1 25 ? -19.001 -20.673 -12.105 1.00 14.56 ? 25  PRO C CG  1 
ATOM   495 C CD  . PRO C 1 25 ? -18.936 -19.193 -12.307 1.00 12.02 ? 25  PRO C CD  1 
HETATM 496 N N   . HYP C 1 26 ? -19.849 -20.990 -16.583 1.00 12.96 ? 26  HYP C N   1 
HETATM 497 C CA  . HYP C 1 26 ? -20.877 -21.002 -17.658 1.00 14.11 ? 26  HYP C CA  1 
HETATM 498 C C   . HYP C 1 26 ? -22.325 -21.174 -17.083 1.00 17.89 ? 26  HYP C C   1 
HETATM 499 O O   . HYP C 1 26 ? -22.478 -21.739 -15.987 1.00 20.00 ? 26  HYP C O   1 
HETATM 500 C CB  . HYP C 1 26 ? -20.536 -22.201 -18.543 1.00 15.95 ? 26  HYP C CB  1 
HETATM 501 C CG  . HYP C 1 26 ? -19.016 -22.270 -18.450 1.00 13.79 ? 26  HYP C CG  1 
HETATM 502 C CD  . HYP C 1 26 ? -18.842 -22.004 -16.945 1.00 13.05 ? 26  HYP C CD  1 
HETATM 503 O OD1 . HYP C 1 26 ? -18.357 -21.347 -19.235 1.00 15.25 ? 26  HYP C OD1 1 
HETATM 504 N N   . GLZ C 1 27 ? -23.294 -20.345 -17.729 1.00 18.26 ? 27  GLZ C N   1 
HETATM 505 C CA  . GLZ C 1 27 ? -24.688 -20.720 -17.557 1.00 24.97 ? 27  GLZ C CA  1 
HETATM 506 C C   . GLZ C 1 27 ? -24.859 -22.214 -17.833 1.00 32.40 ? 27  GLZ C C   1 
HETATM 507 O O   . GLZ C 1 27 ? -25.255 -22.933 -16.976 1.00 38.15 ? 27  GLZ C O   1 
HETATM 508 N N   . NH2 C 1 28 ? -24.535 -22.754 -19.142 1.00 33.91 ? 28  NH2 C N   1 
HETATM 509 C C1  . EDO D 2 .  ? 10.349  -1.980  5.560   1.00 21.80 ? 101 EDO C C1  1 
HETATM 510 O O1  . EDO D 2 .  ? 10.509  -0.766  4.817   1.00 16.53 ? 101 EDO C O1  1 
HETATM 511 C C2  . EDO D 2 .  ? 9.600   -1.720  6.860   1.00 22.99 ? 101 EDO C C2  1 
HETATM 512 O O2  . EDO D 2 .  ? 8.538   -2.679  6.983   1.00 26.75 ? 101 EDO C O2  1 
HETATM 513 O O   . HOH E 3 .  ? 18.825  11.532  5.709   1.00 26.04 ? 101 HOH A O   1 
HETATM 514 O O   A HOH E 3 .  ? 15.282  21.465  13.103  0.68 12.20 ? 102 HOH A O   1 
HETATM 515 O O   B HOH E 3 .  ? 14.216  20.781  12.551  0.32 13.80 ? 102 HOH A O   1 
HETATM 516 O O   . HOH E 3 .  ? 3.104   -6.005  2.286   1.00 11.95 ? 103 HOH A O   1 
HETATM 517 O O   . HOH E 3 .  ? -18.720 -12.145 -5.524  1.00 14.57 ? 104 HOH A O   1 
HETATM 518 O O   . HOH E 3 .  ? -22.158 -18.397 -24.141 1.00 31.00 ? 105 HOH A O   1 
HETATM 519 O O   A HOH E 3 .  ? 3.885   -3.330  2.165   0.52 10.69 ? 106 HOH A O   1 
HETATM 520 O O   B HOH E 3 .  ? 3.460   -3.541  3.125   0.48 12.42 ? 106 HOH A O   1 
HETATM 521 O O   . HOH E 3 .  ? -19.280 -11.979 -19.221 1.00 27.78 ? 107 HOH A O   1 
HETATM 522 O O   . HOH E 3 .  ? -13.525 -8.573  -3.052  1.00 10.71 ? 108 HOH A O   1 
HETATM 523 O O   . HOH E 3 .  ? -19.624 -9.415  -12.324 1.00 22.94 ? 109 HOH A O   1 
HETATM 524 O O   . HOH E 3 .  ? -4.984  -6.567  1.727   1.00 13.42 ? 110 HOH A O   1 
HETATM 525 O O   . HOH E 3 .  ? 18.464  18.018  8.806   1.00 14.23 ? 111 HOH A O   1 
HETATM 526 O O   . HOH E 3 .  ? -16.204 -8.542  -3.641  1.00 11.14 ? 112 HOH A O   1 
HETATM 527 O O   . HOH E 3 .  ? 2.601   -0.492  6.128   1.00 19.19 ? 113 HOH A O   1 
HETATM 528 O O   . HOH E 3 .  ? 1.212   -7.726  -1.478  1.00 11.30 ? 114 HOH A O   1 
HETATM 529 O O   . HOH E 3 .  ? 18.257  24.536  14.944  1.00 21.57 ? 115 HOH A O   1 
HETATM 530 O O   . HOH E 3 .  ? -7.324  -11.173 -2.779  1.00 11.79 ? 116 HOH A O   1 
HETATM 531 O O   . HOH E 3 .  ? -12.288 -5.288  -1.305  1.00 14.05 ? 117 HOH A O   1 
HETATM 532 O O   . HOH E 3 .  ? -15.080 -7.904  -13.274 1.00 17.35 ? 118 HOH A O   1 
HETATM 533 O O   . HOH E 3 .  ? -5.944  -2.109  2.221   1.00 9.71  ? 119 HOH A O   1 
HETATM 534 O O   . HOH E 3 .  ? 5.756   -2.414  4.200   1.00 14.77 ? 120 HOH A O   1 
HETATM 535 O O   . HOH E 3 .  ? -17.147 -14.745 -19.028 1.00 21.80 ? 121 HOH A O   1 
HETATM 536 O O   . HOH E 3 .  ? 23.116  17.051  10.458  1.00 24.54 ? 122 HOH A O   1 
HETATM 537 O O   A HOH E 3 .  ? 14.867  8.089   2.017   0.56 17.91 ? 123 HOH A O   1 
HETATM 538 O O   B HOH E 3 .  ? 14.991  7.958   0.391   0.44 20.18 ? 123 HOH A O   1 
HETATM 539 O O   . HOH E 3 .  ? -8.572  -3.006  2.880   1.00 15.55 ? 124 HOH A O   1 
HETATM 540 O O   . HOH E 3 .  ? -16.567 -6.745  -14.749 1.00 31.27 ? 125 HOH A O   1 
HETATM 541 O O   . HOH F 3 .  ? -1.752  6.048   -2.957  1.00 20.91 ? 101 HOH B O   1 
HETATM 542 O O   . HOH F 3 .  ? 5.224   0.380   -2.529  1.00 12.33 ? 102 HOH B O   1 
HETATM 543 O O   . HOH F 3 .  ? 2.064   11.157  6.479   1.00 9.78  ? 103 HOH B O   1 
HETATM 544 O O   A HOH F 3 .  ? 0.961   8.688   -2.593  0.62 8.60  ? 104 HOH B O   1 
HETATM 545 O O   B HOH F 3 .  ? 0.115   8.443   -2.518  0.38 10.06 ? 104 HOH B O   1 
HETATM 546 O O   . HOH F 3 .  ? 28.110  13.622  22.679  1.00 28.68 ? 105 HOH B O   1 
HETATM 547 O O   . HOH F 3 .  ? -10.116 -12.043 -3.405  1.00 17.00 ? 106 HOH B O   1 
HETATM 548 O O   . HOH F 3 .  ? 0.701   -0.968  -9.210  1.00 9.97  ? 107 HOH B O   1 
HETATM 549 O O   . HOH F 3 .  ? -10.525 -17.533 -7.147  1.00 9.86  ? 108 HOH B O   1 
HETATM 550 O O   . HOH F 3 .  ? -7.004  -9.289  -11.257 1.00 10.50 ? 109 HOH B O   1 
HETATM 551 O O   . HOH F 3 .  ? -1.408  -7.842  -2.510  1.00 11.42 ? 110 HOH B O   1 
HETATM 552 O O   . HOH F 3 .  ? 12.122  15.375  14.463  1.00 17.40 ? 111 HOH B O   1 
HETATM 553 O O   . HOH F 3 .  ? -2.086  -7.134  -7.501  1.00 8.42  ? 112 HOH B O   1 
HETATM 554 O O   . HOH F 3 .  ? -19.319 -13.454 -7.846  1.00 12.59 ? 113 HOH B O   1 
HETATM 555 O O   . HOH F 3 .  ? -20.575 -19.233 -8.217  1.00 10.92 ? 114 HOH B O   1 
HETATM 556 O O   . HOH F 3 .  ? -18.406 -17.565 -8.394  1.00 10.90 ? 115 HOH B O   1 
HETATM 557 O O   . HOH F 3 .  ? -10.024 -14.991 -6.217  1.00 11.40 ? 116 HOH B O   1 
HETATM 558 O O   . HOH F 3 .  ? -7.541  -13.723 -5.562  1.00 12.22 ? 117 HOH B O   1 
HETATM 559 O O   . HOH F 3 .  ? -22.248 -22.389 -11.525 1.00 14.42 ? 118 HOH B O   1 
HETATM 560 O O   . HOH F 3 .  ? 14.572  18.768  13.253  1.00 16.31 ? 119 HOH B O   1 
HETATM 561 O O   . HOH F 3 .  ? 10.477  16.350  12.459  1.00 13.64 ? 120 HOH B O   1 
HETATM 562 O O   . HOH F 3 .  ? 9.104   15.874  7.864   1.00 17.74 ? 121 HOH B O   1 
HETATM 563 O O   A HOH F 3 .  ? 12.498  16.032  6.537   0.46 15.98 ? 122 HOH B O   1 
HETATM 564 O O   B HOH F 3 .  ? 13.284  14.701  6.265   0.54 14.13 ? 122 HOH B O   1 
HETATM 565 O O   . HOH F 3 .  ? -2.245  -10.543 -3.143  1.00 18.55 ? 123 HOH B O   1 
HETATM 566 O O   . HOH F 3 .  ? 1.450   13.106  4.585   1.00 11.44 ? 124 HOH B O   1 
HETATM 567 O O   . HOH F 3 .  ? -12.100 -18.444 -5.099  1.00 10.43 ? 125 HOH B O   1 
HETATM 568 O O   . HOH F 3 .  ? 7.470   14.785  5.648   1.00 18.50 ? 126 HOH B O   1 
HETATM 569 O O   . HOH F 3 .  ? 11.922  18.957  12.219  1.00 13.99 ? 127 HOH B O   1 
HETATM 570 O O   . HOH F 3 .  ? -2.752  -5.148  -9.512  1.00 13.09 ? 128 HOH B O   1 
HETATM 571 O O   A HOH F 3 .  ? -2.526  -9.059  -0.155  0.56 15.26 ? 129 HOH B O   1 
HETATM 572 O O   B HOH F 3 .  ? -2.659  -8.920  1.879   0.44 10.93 ? 129 HOH B O   1 
HETATM 573 O O   . HOH G 3 .  ? -10.264 1.790   -2.858  1.00 21.30 ? 201 HOH C O   1 
HETATM 574 O O   . HOH G 3 .  ? 15.742  10.172  15.894  1.00 26.85 ? 202 HOH C O   1 
HETATM 575 O O   . HOH G 3 .  ? -14.264 -5.154  -12.341 1.00 28.87 ? 203 HOH C O   1 
HETATM 576 O O   . HOH G 3 .  ? -23.620 -22.296 -13.875 1.00 22.95 ? 204 HOH C O   1 
HETATM 577 O O   . HOH G 3 .  ? 24.046  12.825  14.281  1.00 27.65 ? 205 HOH C O   1 
HETATM 578 O O   . HOH G 3 .  ? 6.895   8.789   11.848  1.00 13.23 ? 206 HOH C O   1 
HETATM 579 O O   A HOH G 3 .  ? -15.796 -20.788 -18.658 0.72 11.29 ? 207 HOH C O   1 
HETATM 580 O O   B HOH G 3 .  ? -15.765 -21.234 -17.693 0.28 11.14 ? 207 HOH C O   1 
HETATM 581 O O   . HOH G 3 .  ? -9.387  -2.422  -9.084  1.00 17.02 ? 208 HOH C O   1 
HETATM 582 O O   . HOH G 3 .  ? 15.972  7.396   12.881  1.00 23.71 ? 209 HOH C O   1 
HETATM 583 O O   . HOH G 3 .  ? -4.887  -3.585  -9.001  1.00 11.42 ? 210 HOH C O   1 
HETATM 584 O O   A HOH G 3 .  ? -15.305 -18.735 -16.918 0.62 10.94 ? 211 HOH C O   1 
HETATM 585 O O   B HOH G 3 .  ? -15.580 -19.498 -16.031 0.38 11.60 ? 211 HOH C O   1 
HETATM 586 O O   . HOH G 3 .  ? 1.666   8.435   5.489   1.00 11.44 ? 212 HOH C O   1 
HETATM 587 O O   . HOH G 3 .  ? -19.288 -22.135 -21.693 1.00 18.04 ? 213 HOH C O   1 
HETATM 588 O O   . HOH G 3 .  ? -5.306  -0.894  4.579   1.00 10.36 ? 214 HOH C O   1 
HETATM 589 O O   . HOH G 3 .  ? -3.808  3.294   6.520   1.00 8.54  ? 215 HOH C O   1 
HETATM 590 O O   . HOH G 3 .  ? -11.531 -11.782 -15.240 1.00 15.98 ? 216 HOH C O   1 
HETATM 591 O O   A HOH G 3 .  ? -5.687  2.760   -1.571  0.61 14.52 ? 217 HOH C O   1 
HETATM 592 O O   B HOH G 3 .  ? -7.092  1.289   -1.937  0.39 11.72 ? 217 HOH C O   1 
HETATM 593 O O   A HOH G 3 .  ? -15.048 -12.815 -19.017 0.55 16.08 ? 218 HOH C O   1 
HETATM 594 O O   B HOH G 3 .  ? -16.235 -11.455 -19.801 0.45 19.51 ? 218 HOH C O   1 
HETATM 595 O O   . HOH G 3 .  ? -2.592  3.543   -3.165  1.00 21.88 ? 219 HOH C O   1 
HETATM 596 O O   . HOH G 3 .  ? -0.929  3.236   6.576   1.00 12.40 ? 220 HOH C O   1 
HETATM 597 O O   . HOH G 3 .  ? -15.362 -19.290 -12.057 1.00 18.51 ? 221 HOH C O   1 
HETATM 598 O O   A HOH G 3 .  ? -8.346  -11.499 -13.531 0.51 13.46 ? 222 HOH C O   1 
HETATM 599 O O   B HOH G 3 .  ? -8.993  -13.017 -14.985 0.49 17.06 ? 222 HOH C O   1 
HETATM 600 O O   . HOH G 3 .  ? -20.722 -24.465 -15.537 1.00 23.43 ? 223 HOH C O   1 
HETATM 601 O O   . HOH G 3 .  ? 27.993  18.385  9.554   1.00 30.31 ? 224 HOH C O   1 
HETATM 602 O O   . HOH G 3 .  ? -9.982  -2.600  -11.753 1.00 25.72 ? 225 HOH C O   1 
HETATM 603 O O   A HOH G 3 .  ? 24.032  11.967  17.349  0.61 26.24 ? 226 HOH C O   1 
HETATM 604 O O   B HOH G 3 .  ? 23.915  10.867  16.442  0.39 22.24 ? 226 HOH C O   1 
HETATM 605 O O   A HOH G 3 .  ? -15.631 -21.522 -13.507 0.51 16.00 ? 227 HOH C O   1 
HETATM 606 O O   B HOH G 3 .  ? -16.018 -22.104 -15.096 0.49 16.16 ? 227 HOH C O   1 
HETATM 607 O O   A HOH G 3 .  ? 4.772   7.564   12.655  0.69 18.48 ? 228 HOH C O   1 
HETATM 608 O O   B HOH G 3 .  ? 3.154   8.358   13.289  0.31 16.35 ? 228 HOH C O   1 
# 
loop_
_pdbx_poly_seq_scheme.asym_id 
_pdbx_poly_seq_scheme.entity_id 
_pdbx_poly_seq_scheme.seq_id 
_pdbx_poly_seq_scheme.mon_id 
_pdbx_poly_seq_scheme.ndb_seq_num 
_pdbx_poly_seq_scheme.pdb_seq_num 
_pdbx_poly_seq_scheme.auth_seq_num 
_pdbx_poly_seq_scheme.pdb_mon_id 
_pdbx_poly_seq_scheme.auth_mon_id 
_pdbx_poly_seq_scheme.pdb_strand_id 
_pdbx_poly_seq_scheme.pdb_ins_code 
_pdbx_poly_seq_scheme.hetero 
A 1 1  PRO 1  1  1  PRO PRO A . n 
A 1 2  HYP 2  2  2  HYP HYP A . n 
A 1 3  GLY 3  3  3  GLY GLY A . n 
A 1 4  PRO 4  4  4  PRO PRO A . n 
A 1 5  HYP 5  5  5  HYP HYP A . n 
A 1 6  GLY 6  6  6  GLY GLY A . n 
A 1 7  PRO 7  7  7  PRO PRO A . n 
A 1 8  ARG 8  8  8  ARG ARG A . n 
A 1 9  GLY 9  9  9  GLY GLY A . n 
A 1 10 PRO 10 10 10 PRO PRO A . n 
A 1 11 HYP 11 11 11 HYP HYP A . n 
A 1 12 GLY 12 12 12 GLY GLY A . n 
A 1 13 PRO 13 13 13 PRO PRO A . n 
A 1 14 HYP 14 14 14 HYP HYP A . n 
A 1 15 GLY 15 15 15 GLY GLY A . n 
A 1 16 PRO 16 16 16 PRO PRO A . n 
A 1 17 HYP 17 17 17 HYP HYP A . n 
A 1 18 GLY 18 18 18 GLY GLY A . n 
A 1 19 SAR 19 19 19 SAR MGY A . n 
A 1 20 HYP 20 20 20 HYP HYP A . n 
A 1 21 GLY 21 21 21 GLY GLY A . n 
A 1 22 PRO 22 22 22 PRO PRO A . n 
A 1 23 HYP 23 23 23 HYP HYP A . n 
A 1 24 GLY 24 24 24 GLY GLY A . n 
A 1 25 PRO 25 25 25 PRO PRO A . n 
A 1 26 HYP 26 26 26 HYP HYP A . n 
A 1 27 GLZ 27 27 ?  ?   ?   A . n 
A 1 28 NH2 28 28 ?  ?   ?   A . n 
B 1 1  PRO 1  1  ?  ?   ?   B . n 
B 1 2  HYP 2  2  2  HYP HYP B . n 
B 1 3  GLY 3  3  3  GLY GLY B . n 
B 1 4  PRO 4  4  4  PRO PRO B . n 
B 1 5  HYP 5  5  5  HYP HYP B . n 
B 1 6  GLY 6  6  6  GLY GLY B . n 
B 1 7  PRO 7  7  7  PRO PRO B . n 
B 1 8  ARG 8  8  8  ARG ARG B . n 
B 1 9  GLY 9  9  9  GLY GLY B . n 
B 1 10 PRO 10 10 10 PRO PRO B . n 
B 1 11 HYP 11 11 11 HYP HYP B . n 
B 1 12 GLY 12 12 12 GLY GLY B . n 
B 1 13 PRO 13 13 13 PRO PRO B . n 
B 1 14 HYP 14 14 14 HYP HYP B . n 
B 1 15 GLY 15 15 15 GLY GLY B . n 
B 1 16 PRO 16 16 16 PRO PRO B . n 
B 1 17 HYP 17 17 17 HYP HYP B . n 
B 1 18 GLY 18 18 18 GLY GLY B . n 
B 1 19 SAR 19 19 19 SAR MGY B . n 
B 1 20 HYP 20 20 20 HYP HYP B . n 
B 1 21 GLY 21 21 21 GLY GLY B . n 
B 1 22 PRO 22 22 22 PRO PRO B . n 
B 1 23 HYP 23 23 23 HYP HYP B . n 
B 1 24 GLY 24 24 24 GLY GLY B . n 
B 1 25 PRO 25 25 25 PRO PRO B . n 
B 1 26 HYP 26 26 26 HYP HYP B . n 
B 1 27 GLZ 27 27 27 GLZ GLZ B . n 
B 1 28 NH2 28 28 28 NH2 NH2 B . n 
C 1 1  PRO 1  1  ?  ?   ?   C . n 
C 1 2  HYP 2  2  2  HYP HYP C . n 
C 1 3  GLY 3  3  3  GLY GLY C . n 
C 1 4  PRO 4  4  4  PRO PRO C . n 
C 1 5  HYP 5  5  5  HYP HYP C . n 
C 1 6  GLY 6  6  6  GLY GLY C . n 
C 1 7  PRO 7  7  7  PRO PRO C . n 
C 1 8  ARG 8  8  8  ARG ARG C . n 
C 1 9  GLY 9  9  9  GLY GLY C . n 
C 1 10 PRO 10 10 10 PRO PRO C . n 
C 1 11 HYP 11 11 11 HYP HYP C . n 
C 1 12 GLY 12 12 12 GLY GLY C . n 
C 1 13 PRO 13 13 13 PRO PRO C . n 
C 1 14 HYP 14 14 14 HYP HYP C . n 
C 1 15 GLY 15 15 15 GLY GLY C . n 
C 1 16 PRO 16 16 16 PRO PRO C . n 
C 1 17 HYP 17 17 17 HYP HYP C . n 
C 1 18 GLY 18 18 18 GLY GLY C . n 
C 1 19 SAR 19 19 19 SAR MGY C . n 
C 1 20 HYP 20 20 20 HYP HYP C . n 
C 1 21 GLY 21 21 21 GLY GLY C . n 
C 1 22 PRO 22 22 22 PRO PRO C . n 
C 1 23 HYP 23 23 23 HYP HYP C . n 
C 1 24 GLY 24 24 24 GLY GLY C . n 
C 1 25 PRO 25 25 25 PRO PRO C . n 
C 1 26 HYP 26 26 26 HYP HYP C . n 
C 1 27 GLZ 27 27 27 GLZ GLZ C . n 
C 1 28 NH2 28 28 28 NH2 NH2 C . n 
# 
loop_
_pdbx_nonpoly_scheme.asym_id 
_pdbx_nonpoly_scheme.entity_id 
_pdbx_nonpoly_scheme.mon_id 
_pdbx_nonpoly_scheme.ndb_seq_num 
_pdbx_nonpoly_scheme.pdb_seq_num 
_pdbx_nonpoly_scheme.auth_seq_num 
_pdbx_nonpoly_scheme.pdb_mon_id 
_pdbx_nonpoly_scheme.auth_mon_id 
_pdbx_nonpoly_scheme.pdb_strand_id 
_pdbx_nonpoly_scheme.pdb_ins_code 
D 2 EDO 1  101 1  EDO EDO C . 
E 3 HOH 1  101 56 HOH HOH A . 
E 3 HOH 2  102 34 HOH HOH A . 
E 3 HOH 3  103 11 HOH HOH A . 
E 3 HOH 4  104 36 HOH HOH A . 
E 3 HOH 5  105 65 HOH HOH A . 
E 3 HOH 6  106 28 HOH HOH A . 
E 3 HOH 7  107 58 HOH HOH A . 
E 3 HOH 8  108 14 HOH HOH A . 
E 3 HOH 9  109 53 HOH HOH A . 
E 3 HOH 10 110 24 HOH HOH A . 
E 3 HOH 11 111 29 HOH HOH A . 
E 3 HOH 12 112 13 HOH HOH A . 
E 3 HOH 13 113 82 HOH HOH A . 
E 3 HOH 14 114 10 HOH HOH A . 
E 3 HOH 15 115 46 HOH HOH A . 
E 3 HOH 16 116 17 HOH HOH A . 
E 3 HOH 17 117 66 HOH HOH A . 
E 3 HOH 18 118 38 HOH HOH A . 
E 3 HOH 19 119 8  HOH HOH A . 
E 3 HOH 20 120 39 HOH HOH A . 
E 3 HOH 21 121 63 HOH HOH A . 
E 3 HOH 22 122 51 HOH HOH A . 
E 3 HOH 23 123 70 HOH HOH A . 
E 3 HOH 24 124 31 HOH HOH A . 
E 3 HOH 25 125 59 HOH HOH A . 
F 3 HOH 1  101 79 HOH HOH B . 
F 3 HOH 2  102 27 HOH HOH B . 
F 3 HOH 3  103 12 HOH HOH B . 
F 3 HOH 4  104 19 HOH HOH B . 
F 3 HOH 5  105 64 HOH HOH B . 
F 3 HOH 6  106 71 HOH HOH B . 
F 3 HOH 7  107 3  HOH HOH B . 
F 3 HOH 8  108 6  HOH HOH B . 
F 3 HOH 9  109 9  HOH HOH B . 
F 3 HOH 10 110 4  HOH HOH B . 
F 3 HOH 11 111 35 HOH HOH B . 
F 3 HOH 12 112 2  HOH HOH B . 
F 3 HOH 13 113 16 HOH HOH B . 
F 3 HOH 14 114 80 HOH HOH B . 
F 3 HOH 15 115 7  HOH HOH B . 
F 3 HOH 16 116 21 HOH HOH B . 
F 3 HOH 17 117 30 HOH HOH B . 
F 3 HOH 18 118 22 HOH HOH B . 
F 3 HOH 19 119 74 HOH HOH B . 
F 3 HOH 20 120 42 HOH HOH B . 
F 3 HOH 21 121 48 HOH HOH B . 
F 3 HOH 22 122 72 HOH HOH B . 
F 3 HOH 23 123 41 HOH HOH B . 
F 3 HOH 24 124 15 HOH HOH B . 
F 3 HOH 25 125 69 HOH HOH B . 
F 3 HOH 26 126 37 HOH HOH B . 
F 3 HOH 27 127 26 HOH HOH B . 
F 3 HOH 28 128 23 HOH HOH B . 
F 3 HOH 29 129 45 HOH HOH B . 
G 3 HOH 1  201 40 HOH HOH C . 
G 3 HOH 2  202 57 HOH HOH C . 
G 3 HOH 3  203 55 HOH HOH C . 
G 3 HOH 4  204 61 HOH HOH C . 
G 3 HOH 5  205 47 HOH HOH C . 
G 3 HOH 6  206 32 HOH HOH C . 
G 3 HOH 7  207 75 HOH HOH C . 
G 3 HOH 8  208 33 HOH HOH C . 
G 3 HOH 9  209 49 HOH HOH C . 
G 3 HOH 10 210 62 HOH HOH C . 
G 3 HOH 11 211 76 HOH HOH C . 
G 3 HOH 12 212 18 HOH HOH C . 
G 3 HOH 13 213 44 HOH HOH C . 
G 3 HOH 14 214 5  HOH HOH C . 
G 3 HOH 15 215 1  HOH HOH C . 
G 3 HOH 16 216 43 HOH HOH C . 
G 3 HOH 17 217 52 HOH HOH C . 
G 3 HOH 18 218 50 HOH HOH C . 
G 3 HOH 19 219 54 HOH HOH C . 
G 3 HOH 20 220 20 HOH HOH C . 
G 3 HOH 21 221 25 HOH HOH C . 
G 3 HOH 22 222 81 HOH HOH C . 
G 3 HOH 23 223 73 HOH HOH C . 
G 3 HOH 24 224 68 HOH HOH C . 
G 3 HOH 25 225 60 HOH HOH C . 
G 3 HOH 26 226 67 HOH HOH C . 
G 3 HOH 27 227 78 HOH HOH C . 
G 3 HOH 28 228 77 HOH HOH C . 
# 
_pdbx_struct_assembly.id                   1 
_pdbx_struct_assembly.details              author_and_software_defined_assembly 
_pdbx_struct_assembly.method_details       PISA 
_pdbx_struct_assembly.oligomeric_details   trimeric 
_pdbx_struct_assembly.oligomeric_count     3 
# 
_pdbx_struct_assembly_gen.assembly_id       1 
_pdbx_struct_assembly_gen.oper_expression   1 
_pdbx_struct_assembly_gen.asym_id_list      A,B,C,D,E,F,G 
# 
loop_
_pdbx_struct_assembly_prop.biol_id 
_pdbx_struct_assembly_prop.type 
_pdbx_struct_assembly_prop.value 
_pdbx_struct_assembly_prop.details 
1 'ABSA (A^2)' 5010 ? 
1 MORE         -22  ? 
1 'SSA (A^2)'  4730 ? 
# 
_pdbx_struct_oper_list.id                   1 
_pdbx_struct_oper_list.type                 'identity operation' 
_pdbx_struct_oper_list.name                 1_555 
_pdbx_struct_oper_list.symmetry_operation   x,y,z 
_pdbx_struct_oper_list.matrix[1][1]         1.0000000000 
_pdbx_struct_oper_list.matrix[1][2]         0.0000000000 
_pdbx_struct_oper_list.matrix[1][3]         0.0000000000 
_pdbx_struct_oper_list.vector[1]            0.0000000000 
_pdbx_struct_oper_list.matrix[2][1]         0.0000000000 
_pdbx_struct_oper_list.matrix[2][2]         1.0000000000 
_pdbx_struct_oper_list.matrix[2][3]         0.0000000000 
_pdbx_struct_oper_list.vector[2]            0.0000000000 
_pdbx_struct_oper_list.matrix[3][1]         0.0000000000 
_pdbx_struct_oper_list.matrix[3][2]         0.0000000000 
_pdbx_struct_oper_list.matrix[3][3]         1.0000000000 
_pdbx_struct_oper_list.vector[3]            0.0000000000 
# 
loop_
_pdbx_audit_revision_history.ordinal 
_pdbx_audit_revision_history.data_content_type 
_pdbx_audit_revision_history.major_revision 
_pdbx_audit_revision_history.minor_revision 
_pdbx_audit_revision_history.revision_date 
1 'Structure model' 1 0 2020-08-12 
2 'Structure model' 1 1 2021-07-28 
3 'Structure model' 1 2 2023-10-18 
4 'Structure model' 1 3 2023-11-15 
# 
_pdbx_audit_revision_details.ordinal             1 
_pdbx_audit_revision_details.revision_ordinal    1 
_pdbx_audit_revision_details.data_content_type   'Structure model' 
_pdbx_audit_revision_details.provider            repository 
_pdbx_audit_revision_details.type                'Initial release' 
_pdbx_audit_revision_details.description         ? 
_pdbx_audit_revision_details.details             ? 
# 
loop_
_pdbx_audit_revision_group.ordinal 
_pdbx_audit_revision_group.revision_ordinal 
_pdbx_audit_revision_group.data_content_type 
_pdbx_audit_revision_group.group 
1 2 'Structure model' 'Database references'    
2 3 'Structure model' 'Data collection'        
3 3 'Structure model' 'Database references'    
4 3 'Structure model' 'Refinement description' 
5 4 'Structure model' 'Data collection'        
# 
loop_
_pdbx_audit_revision_category.ordinal 
_pdbx_audit_revision_category.revision_ordinal 
_pdbx_audit_revision_category.data_content_type 
_pdbx_audit_revision_category.category 
1 2 'Structure model' citation                      
2 2 'Structure model' citation_author               
3 3 'Structure model' chem_comp_atom                
4 3 'Structure model' chem_comp_bond                
5 3 'Structure model' database_2                    
6 3 'Structure model' pdbx_initial_refinement_model 
7 4 'Structure model' chem_comp_atom                
8 4 'Structure model' chem_comp_bond                
# 
loop_
_pdbx_audit_revision_item.ordinal 
_pdbx_audit_revision_item.revision_ordinal 
_pdbx_audit_revision_item.data_content_type 
_pdbx_audit_revision_item.item 
1  2 'Structure model' '_citation.journal_id_ISSN'           
2  2 'Structure model' '_citation.journal_volume'            
3  2 'Structure model' '_citation.page_first'                
4  2 'Structure model' '_citation.page_last'                 
5  2 'Structure model' '_citation.pdbx_database_id_DOI'      
6  2 'Structure model' '_citation.pdbx_database_id_PubMed'   
7  2 'Structure model' '_citation.title'                     
8  2 'Structure model' '_citation_author.identifier_ORCID'   
9  3 'Structure model' '_database_2.pdbx_DOI'                
10 3 'Structure model' '_database_2.pdbx_database_accession' 
11 4 'Structure model' '_chem_comp_atom.atom_id'             
12 4 'Structure model' '_chem_comp_bond.atom_id_2'           
# 
_pdbx_phasing_MR.entry_id                     6W47 
_pdbx_phasing_MR.method_rotation              ? 
_pdbx_phasing_MR.method_translation           ? 
_pdbx_phasing_MR.model_details                ? 
_pdbx_phasing_MR.R_factor                     ? 
_pdbx_phasing_MR.R_rigid_body                 ? 
_pdbx_phasing_MR.correlation_coeff_Fo_to_Fc   ? 
_pdbx_phasing_MR.correlation_coeff_Io_to_Ic   ? 
_pdbx_phasing_MR.d_res_high_rotation          1.200 
_pdbx_phasing_MR.d_res_low_rotation           31.300 
_pdbx_phasing_MR.d_res_high_translation       1.200 
_pdbx_phasing_MR.d_res_low_translation        31.300 
_pdbx_phasing_MR.packing                      ? 
_pdbx_phasing_MR.reflns_percent_rotation      ? 
_pdbx_phasing_MR.reflns_percent_translation   ? 
_pdbx_phasing_MR.sigma_F_rotation             ? 
_pdbx_phasing_MR.sigma_F_translation          ? 
_pdbx_phasing_MR.sigma_I_rotation             ? 
_pdbx_phasing_MR.sigma_I_translation          ? 
# 
_phasing.method   MR 
# 
loop_
_software.citation_id 
_software.classification 
_software.compiler_name 
_software.compiler_version 
_software.contact_author 
_software.contact_author_email 
_software.date 
_software.description 
_software.dependencies 
_software.hardware 
_software.language 
_software.location 
_software.mods 
_software.name 
_software.os 
_software.os_version 
_software.type 
_software.version 
_software.pdbx_ordinal 
? refinement       ? ? ? ? ? ? ? ? ? ? ? PHENIX  ? ? ? 1.18RC2_3794 1 
? 'data reduction' ? ? ? ? ? ? ? ? ? ? ? XDS     ? ? ? .            2 
? 'data scaling'   ? ? ? ? ? ? ? ? ? ? ? Aimless ? ? ? 0.7.4        3 
? phasing          ? ? ? ? ? ? ? ? ? ? ? PHASER  ? ? ? 2.8.3        4 
? 'model building' ? ? ? ? ? ? ? ? ? ? ? Coot    ? ? ? '0.8.9.2 EL' 5 
# 
_pdbx_entry_details.entry_id                 6W47 
_pdbx_entry_details.has_ligand_of_interest   N 
_pdbx_entry_details.compound_details         ? 
_pdbx_entry_details.source_details           ? 
_pdbx_entry_details.nonpolymer_details       ? 
_pdbx_entry_details.sequence_details         ? 
# 
loop_
_pdbx_unobs_or_zero_occ_residues.id 
_pdbx_unobs_or_zero_occ_residues.PDB_model_num 
_pdbx_unobs_or_zero_occ_residues.polymer_flag 
_pdbx_unobs_or_zero_occ_residues.occupancy_flag 
_pdbx_unobs_or_zero_occ_residues.auth_asym_id 
_pdbx_unobs_or_zero_occ_residues.auth_comp_id 
_pdbx_unobs_or_zero_occ_residues.auth_seq_id 
_pdbx_unobs_or_zero_occ_residues.PDB_ins_code 
_pdbx_unobs_or_zero_occ_residues.label_asym_id 
_pdbx_unobs_or_zero_occ_residues.label_comp_id 
_pdbx_unobs_or_zero_occ_residues.label_seq_id 
1 1 Y 1 A GLZ 27 ? A GLZ 27 
2 1 Y 1 A NH2 28 ? A NH2 28 
3 1 Y 1 B PRO 1  ? B PRO 1  
4 1 Y 1 C PRO 1  ? C PRO 1  
# 
loop_
_chem_comp_atom.comp_id 
_chem_comp_atom.atom_id 
_chem_comp_atom.type_symbol 
_chem_comp_atom.pdbx_aromatic_flag 
_chem_comp_atom.pdbx_stereo_config 
_chem_comp_atom.pdbx_ordinal 
ARG N    N N N 1   
ARG CA   C N S 2   
ARG C    C N N 3   
ARG O    O N N 4   
ARG CB   C N N 5   
ARG CG   C N N 6   
ARG CD   C N N 7   
ARG NE   N N N 8   
ARG CZ   C N N 9   
ARG NH1  N N N 10  
ARG NH2  N N N 11  
ARG OXT  O N N 12  
ARG H    H N N 13  
ARG H2   H N N 14  
ARG HA   H N N 15  
ARG HB2  H N N 16  
ARG HB3  H N N 17  
ARG HG2  H N N 18  
ARG HG3  H N N 19  
ARG HD2  H N N 20  
ARG HD3  H N N 21  
ARG HE   H N N 22  
ARG HH11 H N N 23  
ARG HH12 H N N 24  
ARG HH21 H N N 25  
ARG HH22 H N N 26  
ARG HXT  H N N 27  
EDO C1   C N N 28  
EDO O1   O N N 29  
EDO C2   C N N 30  
EDO O2   O N N 31  
EDO H11  H N N 32  
EDO H12  H N N 33  
EDO HO1  H N N 34  
EDO H21  H N N 35  
EDO H22  H N N 36  
EDO HO2  H N N 37  
GLY N    N N N 38  
GLY CA   C N N 39  
GLY C    C N N 40  
GLY O    O N N 41  
GLY OXT  O N N 42  
GLY H    H N N 43  
GLY H2   H N N 44  
GLY HA2  H N N 45  
GLY HA3  H N N 46  
GLY HXT  H N N 47  
GLZ N    N N N 48  
GLZ CA   C N N 49  
GLZ C    C N N 50  
GLZ O    O N N 51  
GLZ H    H N N 52  
GLZ H2   H N N 53  
GLZ HA1  H N N 54  
GLZ HA2  H N N 55  
GLZ H1   H N N 56  
HOH O    O N N 57  
HOH H1   H N N 58  
HOH H2   H N N 59  
HYP N    N N N 60  
HYP CA   C N S 61  
HYP C    C N N 62  
HYP O    O N N 63  
HYP CB   C N N 64  
HYP CG   C N R 65  
HYP CD   C N N 66  
HYP OD1  O N N 67  
HYP OXT  O N N 68  
HYP H    H N N 69  
HYP HA   H N N 70  
HYP HB2  H N N 71  
HYP HB3  H N N 72  
HYP HG   H N N 73  
HYP HD22 H N N 74  
HYP HD23 H N N 75  
HYP HD1  H N N 76  
HYP HXT  H N N 77  
NH2 N    N N N 78  
NH2 HN1  H N N 79  
NH2 HN2  H N N 80  
PRO N    N N N 81  
PRO CA   C N S 82  
PRO C    C N N 83  
PRO O    O N N 84  
PRO CB   C N N 85  
PRO CG   C N N 86  
PRO CD   C N N 87  
PRO OXT  O N N 88  
PRO H    H N N 89  
PRO HA   H N N 90  
PRO HB2  H N N 91  
PRO HB3  H N N 92  
PRO HG2  H N N 93  
PRO HG3  H N N 94  
PRO HD2  H N N 95  
PRO HD3  H N N 96  
PRO HXT  H N N 97  
SAR N    N N N 98  
SAR CA   C N N 99  
SAR C    C N N 100 
SAR O    O N N 101 
SAR CN   C N N 102 
SAR OXT  O N N 103 
SAR H    H N N 104 
SAR HA2  H N N 105 
SAR HA3  H N N 106 
SAR HN1  H N N 107 
SAR HN2  H N N 108 
SAR HN3  H N N 109 
SAR HXT  H N N 110 
# 
loop_
_chem_comp_bond.comp_id 
_chem_comp_bond.atom_id_1 
_chem_comp_bond.atom_id_2 
_chem_comp_bond.value_order 
_chem_comp_bond.pdbx_aromatic_flag 
_chem_comp_bond.pdbx_stereo_config 
_chem_comp_bond.pdbx_ordinal 
ARG N   CA   sing N N 1   
ARG N   H    sing N N 2   
ARG N   H2   sing N N 3   
ARG CA  C    sing N N 4   
ARG CA  CB   sing N N 5   
ARG CA  HA   sing N N 6   
ARG C   O    doub N N 7   
ARG C   OXT  sing N N 8   
ARG CB  CG   sing N N 9   
ARG CB  HB2  sing N N 10  
ARG CB  HB3  sing N N 11  
ARG CG  CD   sing N N 12  
ARG CG  HG2  sing N N 13  
ARG CG  HG3  sing N N 14  
ARG CD  NE   sing N N 15  
ARG CD  HD2  sing N N 16  
ARG CD  HD3  sing N N 17  
ARG NE  CZ   sing N N 18  
ARG NE  HE   sing N N 19  
ARG CZ  NH1  sing N N 20  
ARG CZ  NH2  doub N N 21  
ARG NH1 HH11 sing N N 22  
ARG NH1 HH12 sing N N 23  
ARG NH2 HH21 sing N N 24  
ARG NH2 HH22 sing N N 25  
ARG OXT HXT  sing N N 26  
EDO C1  O1   sing N N 27  
EDO C1  C2   sing N N 28  
EDO C1  H11  sing N N 29  
EDO C1  H12  sing N N 30  
EDO O1  HO1  sing N N 31  
EDO C2  O2   sing N N 32  
EDO C2  H21  sing N N 33  
EDO C2  H22  sing N N 34  
EDO O2  HO2  sing N N 35  
GLY N   CA   sing N N 36  
GLY N   H    sing N N 37  
GLY N   H2   sing N N 38  
GLY CA  C    sing N N 39  
GLY CA  HA2  sing N N 40  
GLY CA  HA3  sing N N 41  
GLY C   O    doub N N 42  
GLY C   OXT  sing N N 43  
GLY OXT HXT  sing N N 44  
GLZ N   CA   sing N N 45  
GLZ N   H    sing N N 46  
GLZ N   H2   sing N N 47  
GLZ CA  C    sing N N 48  
GLZ CA  HA1  sing N N 49  
GLZ CA  HA2  sing N N 50  
GLZ C   O    doub N N 51  
GLZ C   H1   sing N N 52  
HOH O   H1   sing N N 53  
HOH O   H2   sing N N 54  
HYP N   CA   sing N N 55  
HYP N   CD   sing N N 56  
HYP N   H    sing N N 57  
HYP CA  C    sing N N 58  
HYP CA  CB   sing N N 59  
HYP CA  HA   sing N N 60  
HYP C   O    doub N N 61  
HYP C   OXT  sing N N 62  
HYP CB  CG   sing N N 63  
HYP CB  HB2  sing N N 64  
HYP CB  HB3  sing N N 65  
HYP CG  CD   sing N N 66  
HYP CG  OD1  sing N N 67  
HYP CG  HG   sing N N 68  
HYP CD  HD22 sing N N 69  
HYP CD  HD23 sing N N 70  
HYP OD1 HD1  sing N N 71  
HYP OXT HXT  sing N N 72  
NH2 N   HN1  sing N N 73  
NH2 N   HN2  sing N N 74  
PRO N   CA   sing N N 75  
PRO N   CD   sing N N 76  
PRO N   H    sing N N 77  
PRO CA  C    sing N N 78  
PRO CA  CB   sing N N 79  
PRO CA  HA   sing N N 80  
PRO C   O    doub N N 81  
PRO C   OXT  sing N N 82  
PRO CB  CG   sing N N 83  
PRO CB  HB2  sing N N 84  
PRO CB  HB3  sing N N 85  
PRO CG  CD   sing N N 86  
PRO CG  HG2  sing N N 87  
PRO CG  HG3  sing N N 88  
PRO CD  HD2  sing N N 89  
PRO CD  HD3  sing N N 90  
PRO OXT HXT  sing N N 91  
SAR N   CA   sing N N 92  
SAR N   CN   sing N N 93  
SAR N   H    sing N N 94  
SAR CA  C    sing N N 95  
SAR CA  HA2  sing N N 96  
SAR CA  HA3  sing N N 97  
SAR C   O    doub N N 98  
SAR C   OXT  sing N N 99  
SAR CN  HN1  sing N N 100 
SAR CN  HN2  sing N N 101 
SAR CN  HN3  sing N N 102 
SAR OXT HXT  sing N N 103 
# 
_pdbx_audit_support.funding_organization   'National Science Foundation (NSF, United States)' 
_pdbx_audit_support.country                'United States' 
_pdbx_audit_support.grant_number           'Penn MRSEC Grant No. DMR-1720530' 
_pdbx_audit_support.ordinal                1 
# 
loop_
_pdbx_entity_nonpoly.entity_id 
_pdbx_entity_nonpoly.name 
_pdbx_entity_nonpoly.comp_id 
2 1,2-ETHANEDIOL EDO 
3 water          HOH 
# 
_pdbx_initial_refinement_model.id               1 
_pdbx_initial_refinement_model.entity_id_list   ? 
_pdbx_initial_refinement_model.type             'experimental model' 
_pdbx_initial_refinement_model.source_name      PDB 
_pdbx_initial_refinement_model.accession_code   3ABN 
_pdbx_initial_refinement_model.details          ? 
# 
_pdbx_struct_assembly_auth_evidence.id                     1 
_pdbx_struct_assembly_auth_evidence.assembly_id            1 
_pdbx_struct_assembly_auth_evidence.experimental_support   none 
_pdbx_struct_assembly_auth_evidence.details                ? 
# 
